data_8BW9
#
_entry.id   8BW9
#
_cell.length_a   1.00
_cell.length_b   1.00
_cell.length_c   1.00
_cell.angle_alpha   90.00
_cell.angle_beta   90.00
_cell.angle_gamma   90.00
#
_symmetry.space_group_name_H-M   'P 1'
#
loop_
_entity.id
_entity.type
_entity.pdbx_description
1 polymer 'Protein aveugle'
2 polymer 'Connector enhancer of KSR protein CNK'
3 polymer 'Dual specificity mitogen-activated protein kinase kinase dSOR1'
4 polymer KSR
5 non-polymer 'PHOSPHOAMINOPHOSPHONIC ACID-ADENYLATE ESTER'
6 non-polymer Trametinib
7 non-polymer 'MAGNESIUM ION'
#
loop_
_entity_poly.entity_id
_entity_poly.type
_entity_poly.pdbx_seq_one_letter_code
_entity_poly.pdbx_strand_id
1 'polypeptide(L)'
;GAMDPGEETINSTQNKTRTKTTRPKAVYLWTVSDVLKWYRRHCGEYTQYEQLFAQHDITGRALLRITDSSLQRMGVTDNR
DREAIWREIVKQRLKTDIMEIRDMERLNIY
;
A
2 'polypeptide(L)'
;GAMDPMAYINIAEWTPDQVTDWIKGLDESMKGYLYEFSKQEIGGRALLNIRPYELENLGMLRIGHQEIVLEAVENLRNFH
YHLKNDNLQFMALHVATAAKNLHRELARNHAESTKIDTRILHDITRTIATLKPLVGSLERTPFRKQEMYREYCGNVLKCG
LELATIAHRDRFALQPVPAIRQSAERLENLANFVIQDISDPMVLQPASLNLVTLKKRESELGFNIESSYNGIHRVTDIKY
NSPAHNSGKIEDGDEIVQINYQTVVGWQHRTVLEHLREALPDVVLTVKKRPKHTKMFGQIYMQPYRLPSKKRNMAARWAA
QMPSPRAAFLTLDTE
;
B
3 'polypeptide(L)'
;MSKNKLNLVLPPVNTEATVAAATVAPTPPFKTPSGTDTHSLLGKPKTSIDALTETLEGLDMGDTERKRIKMFLSQKEKIG
ELSDEDLEKLGELGSGNGGVVMKVRHTHTHLIMARKLIHLEVKPAIKKQILRELKVLHECNFPHIVGFYGAFYSDGEISI
CMEYMDGGSLDLILKRAGRIPESILGRITLAVLKGLSYLRDNHAIIHRDVKPSNILVNSSGEIKICDFGVSGQLIDSMAN
SFVGTRSYMSPERLQGTHYSVQSDIWSLGLSLVEMAIGMYPIPPPNTATLESIFADNAEESGQPTDEPRAMAIFELLDYI
VNEPPPKLEHKIFSTEFKDFVDICLKKQPDERADLKTLLSHPWIRKAELEEVDISGWVCKTMDLPPSTPKRNTSPN
;
C
4 'polypeptide(L)'
;GGRTEDGDSGQWRQNSISLKEWDIPYGDLLLLERIGQGRFGTVHRALWHGDVAVKLLNEDYLQDEHMLETFRSEVANFKN
TRHENLVLFMGACMNPPYLAIVTSLCKGNTLYTYIHQRREKFAMNRTLLIAQQIAQGMGYLHAREIIHKDLRTKNIFIEN
GKVIITDFGLFSSTKLLYCDMGLGVPHNWLCYLAPELIRALQPEKPRGECLEFTPYSDVYSFGTVWYELICGEFTFKDQP
AESIIWQVGRGMKQSLANLQSGRDVKDLLMLCWTYEKEHRPQFARLLSLLEHLPKKRLARSPSHPVNLSRSAESVF
;
D
#
loop_
_chem_comp.id
_chem_comp.type
_chem_comp.name
_chem_comp.formula
ANP non-polymer 'PHOSPHOAMINOPHOSPHONIC ACID-ADENYLATE ESTER' 'C10 H17 N6 O12 P3'
MG non-polymer 'MAGNESIUM ION' 'Mg 2'
QOM non-polymer Trametinib 'C26 H23 F I N5 O4'
#
# COMPACT_ATOMS: atom_id res chain seq x y z
N ARG A 23 -33.03 -3.92 -24.93
CA ARG A 23 -32.64 -3.64 -23.56
C ARG A 23 -32.64 -4.91 -22.71
N PRO A 24 -31.51 -5.61 -22.69
CA PRO A 24 -31.41 -6.82 -21.87
C PRO A 24 -31.38 -6.48 -20.39
N LYS A 25 -31.72 -7.48 -19.58
CA LYS A 25 -31.74 -7.30 -18.14
C LYS A 25 -30.33 -7.12 -17.61
N ALA A 26 -30.24 -6.51 -16.42
CA ALA A 26 -28.95 -6.28 -15.80
C ALA A 26 -28.24 -7.59 -15.52
N VAL A 27 -26.96 -7.67 -15.88
CA VAL A 27 -26.20 -8.90 -15.75
C VAL A 27 -26.04 -9.30 -14.29
N TYR A 28 -26.14 -8.35 -13.36
CA TYR A 28 -26.05 -8.69 -11.95
C TYR A 28 -27.22 -9.55 -11.48
N LEU A 29 -28.37 -9.43 -12.15
CA LEU A 29 -29.56 -10.17 -11.76
C LEU A 29 -29.73 -11.48 -12.52
N TRP A 30 -28.79 -11.83 -13.40
CA TRP A 30 -28.92 -13.03 -14.20
C TRP A 30 -28.91 -14.28 -13.32
N THR A 31 -29.65 -15.29 -13.74
CA THR A 31 -29.62 -16.60 -13.11
C THR A 31 -28.84 -17.58 -13.98
N VAL A 32 -28.76 -18.83 -13.54
CA VAL A 32 -27.96 -19.81 -14.26
C VAL A 32 -28.51 -20.04 -15.66
N SER A 33 -29.83 -20.21 -15.77
CA SER A 33 -30.46 -20.50 -17.06
C SER A 33 -30.08 -19.44 -18.09
N ASP A 34 -30.04 -18.17 -17.68
CA ASP A 34 -29.58 -17.13 -18.59
C ASP A 34 -28.13 -17.35 -18.99
N VAL A 35 -27.30 -17.87 -18.08
CA VAL A 35 -25.90 -18.09 -18.41
C VAL A 35 -25.77 -19.20 -19.45
N LEU A 36 -26.51 -20.31 -19.29
CA LEU A 36 -26.43 -21.33 -20.33
C LEU A 36 -27.05 -20.86 -21.65
N LYS A 37 -28.08 -20.00 -21.60
CA LYS A 37 -28.59 -19.42 -22.83
C LYS A 37 -27.54 -18.57 -23.53
N TRP A 38 -26.82 -17.75 -22.75
CA TRP A 38 -25.74 -16.93 -23.29
C TRP A 38 -24.65 -17.80 -23.90
N TYR A 39 -24.29 -18.89 -23.22
CA TYR A 39 -23.28 -19.80 -23.78
C TYR A 39 -23.77 -20.46 -25.05
N ARG A 40 -25.06 -20.82 -25.11
CA ARG A 40 -25.61 -21.40 -26.33
C ARG A 40 -25.55 -20.42 -27.49
N ARG A 41 -25.87 -19.15 -27.23
CA ARG A 41 -25.96 -18.18 -28.31
C ARG A 41 -24.59 -17.69 -28.77
N HIS A 42 -23.83 -17.11 -27.84
CA HIS A 42 -22.63 -16.36 -28.23
C HIS A 42 -21.50 -17.27 -28.67
N CYS A 43 -21.27 -18.37 -27.94
CA CYS A 43 -20.12 -19.24 -28.18
C CYS A 43 -20.57 -20.69 -28.28
N GLY A 44 -21.61 -20.94 -29.08
CA GLY A 44 -22.12 -22.29 -29.22
C GLY A 44 -21.22 -23.24 -29.99
N GLU A 45 -20.13 -22.73 -30.59
CA GLU A 45 -19.23 -23.61 -31.32
C GLU A 45 -18.53 -24.59 -30.38
N TYR A 46 -18.08 -24.12 -29.22
CA TYR A 46 -17.42 -24.98 -28.24
C TYR A 46 -18.48 -25.62 -27.35
N THR A 47 -19.14 -26.64 -27.90
CA THR A 47 -20.30 -27.25 -27.29
C THR A 47 -19.97 -28.35 -26.30
N GLN A 48 -18.70 -28.73 -26.17
CA GLN A 48 -18.35 -29.80 -25.24
C GLN A 48 -18.04 -29.31 -23.83
N TYR A 49 -18.10 -28.01 -23.59
CA TYR A 49 -17.77 -27.44 -22.29
C TYR A 49 -18.96 -26.79 -21.60
N GLU A 50 -20.16 -26.84 -22.18
CA GLU A 50 -21.29 -26.13 -21.58
C GLU A 50 -21.69 -26.72 -20.24
N GLN A 51 -21.59 -28.05 -20.08
CA GLN A 51 -22.00 -28.67 -18.83
C GLN A 51 -21.12 -28.24 -17.66
N LEU A 52 -19.89 -27.78 -17.93
CA LEU A 52 -19.03 -27.33 -16.85
C LEU A 52 -19.64 -26.16 -16.09
N PHE A 53 -20.30 -25.24 -16.80
CA PHE A 53 -20.94 -24.11 -16.14
C PHE A 53 -22.07 -24.58 -15.25
N ALA A 54 -22.68 -25.72 -15.56
CA ALA A 54 -23.80 -26.21 -14.77
C ALA A 54 -23.34 -26.71 -13.40
N GLN A 55 -22.29 -27.54 -13.38
CA GLN A 55 -21.84 -28.12 -12.12
C GLN A 55 -21.28 -27.06 -11.18
N HIS A 56 -20.52 -26.10 -11.71
CA HIS A 56 -19.84 -25.12 -10.89
C HIS A 56 -20.72 -23.93 -10.53
N ASP A 57 -21.96 -23.88 -11.04
CA ASP A 57 -22.95 -22.87 -10.65
C ASP A 57 -22.39 -21.47 -10.91
N ILE A 58 -22.25 -21.18 -12.21
CA ILE A 58 -21.78 -19.88 -12.67
C ILE A 58 -23.02 -19.02 -12.94
N THR A 59 -23.39 -18.19 -11.97
CA THR A 59 -24.53 -17.32 -12.11
C THR A 59 -24.10 -16.03 -12.80
N GLY A 60 -24.97 -15.01 -12.75
CA GLY A 60 -24.60 -13.73 -13.33
C GLY A 60 -23.48 -13.04 -12.59
N ARG A 61 -23.51 -13.06 -11.26
CA ARG A 61 -22.48 -12.37 -10.48
C ARG A 61 -21.12 -12.99 -10.72
N ALA A 62 -21.03 -14.31 -10.72
CA ALA A 62 -19.75 -14.98 -10.94
C ALA A 62 -19.27 -14.88 -12.37
N LEU A 63 -20.17 -14.64 -13.33
CA LEU A 63 -19.75 -14.50 -14.71
C LEU A 63 -18.86 -13.28 -14.91
N LEU A 64 -19.06 -12.24 -14.11
CA LEU A 64 -18.27 -11.02 -14.29
C LEU A 64 -16.84 -11.21 -13.83
N ARG A 65 -16.63 -11.86 -12.69
CA ARG A 65 -15.32 -11.93 -12.07
C ARG A 65 -14.58 -13.23 -12.34
N ILE A 66 -15.04 -14.02 -13.31
CA ILE A 66 -14.32 -15.23 -13.66
C ILE A 66 -12.93 -14.85 -14.18
N THR A 67 -11.91 -15.52 -13.67
CA THR A 67 -10.53 -15.22 -14.00
C THR A 67 -9.93 -16.34 -14.84
N ASP A 68 -8.81 -16.04 -15.49
CA ASP A 68 -8.14 -17.04 -16.31
C ASP A 68 -7.69 -18.23 -15.48
N SER A 69 -7.18 -17.98 -14.28
CA SER A 69 -6.87 -19.07 -13.36
C SER A 69 -8.12 -19.86 -13.01
N SER A 70 -9.24 -19.16 -12.83
CA SER A 70 -10.50 -19.84 -12.52
C SER A 70 -10.93 -20.74 -13.67
N LEU A 71 -10.82 -20.25 -14.91
CA LEU A 71 -11.16 -21.09 -16.04
C LEU A 71 -10.24 -22.30 -16.12
N GLN A 72 -8.93 -22.08 -15.94
CA GLN A 72 -7.98 -23.19 -15.99
C GLN A 72 -8.31 -24.25 -14.95
N ARG A 73 -8.71 -23.80 -13.75
CA ARG A 73 -9.16 -24.75 -12.73
C ARG A 73 -10.42 -25.47 -13.17
N MET A 74 -11.34 -24.76 -13.84
CA MET A 74 -12.63 -25.35 -14.20
C MET A 74 -12.48 -26.49 -15.19
N GLY A 75 -11.44 -26.47 -16.02
CA GLY A 75 -11.19 -27.59 -16.89
C GLY A 75 -11.02 -27.30 -18.36
N VAL A 76 -10.72 -26.05 -18.72
CA VAL A 76 -10.43 -25.72 -20.11
C VAL A 76 -8.97 -26.03 -20.38
N THR A 77 -8.69 -27.28 -20.75
CA THR A 77 -7.30 -27.70 -20.90
C THR A 77 -6.65 -27.06 -22.13
N ASP A 78 -7.34 -27.10 -23.27
CA ASP A 78 -6.76 -26.57 -24.50
C ASP A 78 -6.60 -25.06 -24.42
N ASN A 79 -5.48 -24.56 -24.97
CA ASN A 79 -5.20 -23.14 -24.89
C ASN A 79 -6.16 -22.31 -25.73
N ARG A 80 -6.42 -22.75 -26.97
CA ARG A 80 -7.20 -21.94 -27.89
C ARG A 80 -8.63 -21.75 -27.41
N ASP A 81 -9.26 -22.84 -26.95
CA ASP A 81 -10.63 -22.74 -26.47
C ASP A 81 -10.74 -21.85 -25.24
N ARG A 82 -9.78 -21.99 -24.32
CA ARG A 82 -9.76 -21.12 -23.14
C ARG A 82 -9.61 -19.66 -23.54
N GLU A 83 -8.73 -19.39 -24.51
CA GLU A 83 -8.55 -18.02 -24.97
C GLU A 83 -9.83 -17.48 -25.59
N ALA A 84 -10.52 -18.28 -26.41
CA ALA A 84 -11.74 -17.82 -27.03
C ALA A 84 -12.81 -17.52 -26.00
N ILE A 85 -12.97 -18.40 -25.01
CA ILE A 85 -13.97 -18.18 -23.97
C ILE A 85 -13.62 -16.95 -23.14
N TRP A 86 -12.33 -16.78 -22.82
CA TRP A 86 -11.88 -15.60 -22.11
C TRP A 86 -12.24 -14.33 -22.87
N ARG A 87 -11.98 -14.31 -24.18
CA ARG A 87 -12.27 -13.13 -24.98
C ARG A 87 -13.77 -12.86 -25.03
N GLU A 88 -14.58 -13.92 -25.15
CA GLU A 88 -16.02 -13.70 -25.18
C GLU A 88 -16.54 -13.12 -23.88
N ILE A 89 -16.07 -13.66 -22.74
CA ILE A 89 -16.51 -13.11 -21.46
C ILE A 89 -16.03 -11.68 -21.28
N VAL A 90 -14.81 -11.38 -21.76
CA VAL A 90 -14.29 -10.03 -21.66
C VAL A 90 -15.14 -9.07 -22.49
N LYS A 91 -15.51 -9.48 -23.70
CA LYS A 91 -16.39 -8.65 -24.53
C LYS A 91 -17.72 -8.39 -23.83
N GLN A 92 -18.29 -9.43 -23.22
CA GLN A 92 -19.55 -9.23 -22.50
C GLN A 92 -19.39 -8.24 -21.35
N ARG A 93 -18.31 -8.38 -20.58
CA ARG A 93 -18.11 -7.48 -19.45
C ARG A 93 -17.91 -6.05 -19.92
N LEU A 94 -17.20 -5.86 -21.02
CA LEU A 94 -17.03 -4.51 -21.56
C LEU A 94 -18.35 -3.95 -22.07
N LYS A 95 -19.17 -4.79 -22.70
CA LYS A 95 -20.46 -4.33 -23.20
C LYS A 95 -21.40 -3.95 -22.07
N THR A 96 -21.29 -4.59 -20.91
CA THR A 96 -22.13 -4.18 -19.79
C THR A 96 -21.59 -2.96 -19.04
N ASP A 97 -20.38 -2.50 -19.38
CA ASP A 97 -19.85 -1.32 -18.71
C ASP A 97 -20.48 -0.03 -19.22
N ILE A 98 -20.83 0.00 -20.51
CA ILE A 98 -21.46 1.20 -21.08
C ILE A 98 -22.79 1.49 -20.40
N MET A 99 -23.54 0.43 -20.06
CA MET A 99 -24.84 0.62 -19.44
C MET A 99 -24.76 1.25 -18.06
N GLU A 100 -23.57 1.32 -17.46
CA GLU A 100 -23.41 2.03 -16.19
C GLU A 100 -22.96 3.47 -16.40
N ILE A 101 -22.04 3.69 -17.34
CA ILE A 101 -21.56 5.03 -17.62
C ILE A 101 -22.69 5.92 -18.11
N ARG A 102 -23.53 5.40 -19.00
CA ARG A 102 -24.65 6.18 -19.51
C ARG A 102 -25.64 6.51 -18.40
N ASP A 103 -25.92 5.55 -17.51
CA ASP A 103 -26.83 5.81 -16.41
C ASP A 103 -26.28 6.90 -15.49
N MET A 104 -24.99 6.82 -15.17
CA MET A 104 -24.41 7.85 -14.29
C MET A 104 -24.37 9.21 -14.99
N GLU A 105 -24.15 9.23 -16.31
CA GLU A 105 -24.19 10.49 -17.04
C GLU A 105 -25.58 11.10 -17.02
N ARG A 106 -26.61 10.27 -17.21
CA ARG A 106 -27.98 10.77 -17.14
C ARG A 106 -28.30 11.29 -15.75
N LEU A 107 -27.81 10.60 -14.71
CA LEU A 107 -28.00 11.08 -13.36
C LEU A 107 -27.31 12.42 -13.14
N ASN A 108 -26.09 12.57 -13.70
CA ASN A 108 -25.35 13.82 -13.55
C ASN A 108 -26.07 14.98 -14.23
N ILE A 109 -26.60 14.75 -15.43
CA ILE A 109 -27.31 15.81 -16.14
C ILE A 109 -28.56 16.23 -15.37
N TYR A 110 -29.29 15.25 -14.85
CA TYR A 110 -30.55 15.44 -14.11
C TYR A 110 -31.54 16.39 -14.81
N PRO B 5 -16.17 3.94 18.18
CA PRO B 5 -16.02 3.72 16.74
C PRO B 5 -15.08 2.58 16.40
N MET B 6 -13.78 2.85 16.45
CA MET B 6 -12.78 1.84 16.10
C MET B 6 -12.73 0.73 17.14
N ALA B 7 -12.97 1.05 18.41
CA ALA B 7 -12.87 0.05 19.46
C ALA B 7 -13.89 -1.07 19.28
N TYR B 8 -15.11 -0.73 18.86
CA TYR B 8 -16.14 -1.74 18.70
C TYR B 8 -15.80 -2.73 17.60
N ILE B 9 -15.27 -2.26 16.49
CA ILE B 9 -15.13 -3.07 15.28
C ILE B 9 -13.65 -3.24 14.96
N ASN B 10 -13.22 -4.50 14.90
CA ASN B 10 -11.89 -4.85 14.44
C ASN B 10 -11.99 -6.10 13.57
N ILE B 11 -11.04 -6.27 12.68
CA ILE B 11 -11.06 -7.41 11.76
C ILE B 11 -9.85 -8.33 11.92
N ALA B 12 -8.76 -7.87 12.55
CA ALA B 12 -7.56 -8.69 12.67
C ALA B 12 -7.55 -9.57 13.91
N GLU B 13 -8.60 -9.53 14.74
CA GLU B 13 -8.65 -10.29 15.98
C GLU B 13 -9.95 -11.08 16.11
N TRP B 14 -10.73 -11.15 15.04
CA TRP B 14 -12.01 -11.87 15.07
C TRP B 14 -11.83 -13.32 15.50
N THR B 15 -12.64 -13.73 16.48
CA THR B 15 -12.70 -15.13 16.88
C THR B 15 -13.38 -15.95 15.80
N PRO B 16 -13.09 -17.25 15.73
CA PRO B 16 -13.71 -18.07 14.67
C PRO B 16 -15.23 -18.08 14.72
N ASP B 17 -15.82 -17.86 15.89
CA ASP B 17 -17.28 -17.77 15.98
C ASP B 17 -17.82 -16.59 15.19
N GLN B 18 -17.15 -15.44 15.27
CA GLN B 18 -17.60 -14.27 14.53
C GLN B 18 -17.44 -14.46 13.03
N VAL B 19 -16.34 -15.09 12.60
CA VAL B 19 -16.18 -15.40 11.18
C VAL B 19 -17.27 -16.34 10.71
N THR B 20 -17.60 -17.33 11.54
CA THR B 20 -18.68 -18.26 11.18
C THR B 20 -20.01 -17.53 11.07
N ASP B 21 -20.29 -16.62 11.99
CA ASP B 21 -21.58 -15.92 11.97
C ASP B 21 -21.69 -14.98 10.78
N TRP B 22 -20.62 -14.24 10.47
CA TRP B 22 -20.68 -13.29 9.37
C TRP B 22 -20.86 -13.99 8.03
N ILE B 23 -20.20 -15.13 7.85
CA ILE B 23 -20.31 -15.86 6.58
C ILE B 23 -21.74 -16.31 6.34
N LYS B 24 -22.52 -16.51 7.41
CA LYS B 24 -23.86 -17.04 7.26
C LYS B 24 -24.74 -16.13 6.41
N GLY B 25 -24.62 -14.82 6.60
CA GLY B 25 -25.46 -13.89 5.87
C GLY B 25 -25.09 -13.66 4.42
N LEU B 26 -23.95 -14.20 3.97
CA LEU B 26 -23.52 -13.97 2.59
C LEU B 26 -24.52 -14.56 1.61
N ASP B 27 -25.01 -15.76 1.88
CA ASP B 27 -25.97 -16.41 1.01
C ASP B 27 -26.68 -17.51 1.78
N GLU B 28 -27.83 -17.92 1.28
CA GLU B 28 -28.58 -19.04 1.84
C GLU B 28 -28.14 -20.39 1.28
N SER B 29 -27.18 -20.40 0.37
CA SER B 29 -26.66 -21.62 -0.20
C SER B 29 -25.32 -22.03 0.41
N MET B 30 -24.93 -21.41 1.52
CA MET B 30 -23.69 -21.73 2.20
C MET B 30 -23.94 -22.12 3.66
N LYS B 31 -25.09 -22.72 3.94
CA LYS B 31 -25.39 -23.18 5.29
C LYS B 31 -24.53 -24.36 5.70
N GLY B 32 -24.15 -25.21 4.75
CA GLY B 32 -23.43 -26.42 5.07
C GLY B 32 -21.94 -26.26 5.30
N TYR B 33 -21.38 -25.09 5.00
CA TYR B 33 -19.95 -24.88 5.17
C TYR B 33 -19.60 -24.26 6.51
N LEU B 34 -20.59 -23.94 7.36
CA LEU B 34 -20.29 -23.31 8.64
C LEU B 34 -19.51 -24.26 9.55
N TYR B 35 -19.92 -25.53 9.61
CA TYR B 35 -19.25 -26.48 10.49
C TYR B 35 -17.79 -26.66 10.10
N GLU B 36 -17.53 -26.80 8.79
CA GLU B 36 -16.16 -27.02 8.34
C GLU B 36 -15.29 -25.81 8.63
N PHE B 37 -15.84 -24.60 8.42
CA PHE B 37 -15.10 -23.39 8.77
C PHE B 37 -14.83 -23.32 10.26
N SER B 38 -15.77 -23.77 11.09
CA SER B 38 -15.56 -23.76 12.53
C SER B 38 -14.50 -24.76 12.95
N LYS B 39 -14.39 -25.89 12.25
CA LYS B 39 -13.42 -26.91 12.64
C LYS B 39 -11.99 -26.42 12.50
N GLN B 40 -11.65 -25.82 11.35
CA GLN B 40 -10.28 -25.40 11.10
C GLN B 40 -9.88 -24.15 11.86
N GLU B 41 -10.83 -23.45 12.49
CA GLU B 41 -10.56 -22.24 13.27
C GLU B 41 -9.87 -21.18 12.42
N ILE B 42 -10.58 -20.71 11.41
CA ILE B 42 -10.10 -19.66 10.52
C ILE B 42 -10.47 -18.32 11.14
N GLY B 43 -9.47 -17.58 11.61
CA GLY B 43 -9.68 -16.31 12.26
C GLY B 43 -9.75 -15.16 11.27
N GLY B 44 -9.84 -13.94 11.82
CA GLY B 44 -9.93 -12.77 10.98
C GLY B 44 -8.69 -12.55 10.15
N ARG B 45 -7.51 -12.76 10.74
CA ARG B 45 -6.27 -12.57 10.00
C ARG B 45 -6.18 -13.52 8.81
N ALA B 46 -6.55 -14.78 9.01
CA ALA B 46 -6.58 -15.72 7.89
C ALA B 46 -7.72 -15.43 6.93
N LEU B 47 -8.84 -14.94 7.46
CA LEU B 47 -9.99 -14.63 6.59
C LEU B 47 -9.64 -13.52 5.60
N LEU B 48 -8.97 -12.47 6.07
CA LEU B 48 -8.66 -11.35 5.19
C LEU B 48 -7.68 -11.72 4.09
N ASN B 49 -6.94 -12.81 4.24
CA ASN B 49 -5.95 -13.24 3.26
C ASN B 49 -6.33 -14.57 2.63
N ILE B 50 -7.62 -14.83 2.46
CA ILE B 50 -8.07 -16.07 1.86
C ILE B 50 -7.71 -16.09 0.37
N ARG B 51 -7.47 -17.28 -0.15
CA ARG B 51 -7.05 -17.46 -1.53
C ARG B 51 -7.82 -18.62 -2.12
N PRO B 52 -7.94 -18.68 -3.45
CA PRO B 52 -8.74 -19.76 -4.07
C PRO B 52 -8.28 -21.16 -3.71
N TYR B 53 -6.96 -21.40 -3.60
CA TYR B 53 -6.49 -22.75 -3.35
C TYR B 53 -6.90 -23.23 -1.96
N GLU B 54 -6.91 -22.33 -0.98
CA GLU B 54 -7.26 -22.74 0.38
C GLU B 54 -8.73 -23.13 0.48
N LEU B 55 -9.60 -22.41 -0.23
CA LEU B 55 -11.04 -22.66 -0.12
C LEU B 55 -11.42 -24.07 -0.55
N GLU B 56 -10.60 -24.72 -1.38
CA GLU B 56 -10.86 -26.08 -1.80
C GLU B 56 -10.56 -27.10 -0.71
N ASN B 57 -9.97 -26.69 0.41
CA ASN B 57 -9.72 -27.58 1.54
C ASN B 57 -10.89 -27.64 2.50
N LEU B 58 -11.95 -26.87 2.27
CA LEU B 58 -13.15 -26.90 3.11
C LEU B 58 -14.36 -27.42 2.35
N GLY B 59 -14.15 -28.14 1.26
CA GLY B 59 -15.25 -28.70 0.50
C GLY B 59 -15.91 -27.75 -0.48
N MET B 60 -15.36 -26.56 -0.66
CA MET B 60 -15.93 -25.58 -1.60
C MET B 60 -15.36 -25.86 -2.98
N LEU B 61 -15.89 -26.90 -3.62
CA LEU B 61 -15.47 -27.27 -4.97
C LEU B 61 -16.16 -26.46 -6.05
N ARG B 62 -17.07 -25.56 -5.68
CA ARG B 62 -17.83 -24.77 -6.64
C ARG B 62 -17.19 -23.40 -6.77
N ILE B 63 -16.84 -23.01 -8.00
CA ILE B 63 -16.27 -21.70 -8.24
C ILE B 63 -17.28 -20.60 -7.93
N GLY B 64 -18.54 -20.82 -8.32
CA GLY B 64 -19.57 -19.83 -8.07
C GLY B 64 -19.78 -19.58 -6.59
N HIS B 65 -19.63 -20.60 -5.76
CA HIS B 65 -19.71 -20.40 -4.32
C HIS B 65 -18.46 -19.73 -3.77
N GLN B 66 -17.31 -19.95 -4.41
CA GLN B 66 -16.08 -19.28 -3.98
C GLN B 66 -16.16 -17.78 -4.24
N GLU B 67 -16.78 -17.38 -5.35
CA GLU B 67 -16.74 -15.98 -5.77
C GLU B 67 -17.45 -15.08 -4.77
N ILE B 68 -18.54 -15.56 -4.17
CA ILE B 68 -19.28 -14.72 -3.22
C ILE B 68 -18.42 -14.40 -2.00
N VAL B 69 -17.77 -15.42 -1.44
CA VAL B 69 -16.91 -15.20 -0.29
C VAL B 69 -15.72 -14.34 -0.67
N LEU B 70 -15.19 -14.52 -1.88
CA LEU B 70 -14.08 -13.68 -2.31
C LEU B 70 -14.49 -12.22 -2.39
N GLU B 71 -15.69 -11.96 -2.93
CA GLU B 71 -16.18 -10.58 -3.01
C GLU B 71 -16.38 -9.97 -1.63
N ALA B 72 -17.00 -10.74 -0.72
CA ALA B 72 -17.21 -10.21 0.62
C ALA B 72 -15.89 -9.94 1.32
N VAL B 73 -14.90 -10.83 1.14
CA VAL B 73 -13.59 -10.63 1.74
C VAL B 73 -12.92 -9.38 1.18
N GLU B 74 -13.00 -9.18 -0.14
CA GLU B 74 -12.38 -8.00 -0.73
C GLU B 74 -13.04 -6.72 -0.23
N ASN B 75 -14.37 -6.72 -0.12
CA ASN B 75 -15.06 -5.55 0.41
C ASN B 75 -14.65 -5.29 1.86
N LEU B 76 -14.54 -6.36 2.67
CA LEU B 76 -14.14 -6.17 4.06
C LEU B 76 -12.73 -5.60 4.16
N ARG B 77 -11.80 -6.10 3.34
CA ARG B 77 -10.45 -5.56 3.35
C ARG B 77 -10.44 -4.09 2.96
N ASN B 78 -11.18 -3.74 1.91
CA ASN B 78 -11.23 -2.34 1.47
C ASN B 78 -11.81 -1.44 2.56
N PHE B 79 -12.82 -1.91 3.27
CA PHE B 79 -13.41 -1.10 4.32
C PHE B 79 -12.49 -0.97 5.52
N HIS B 80 -11.73 -2.03 5.83
CA HIS B 80 -10.95 -2.02 7.06
C HIS B 80 -9.63 -1.28 6.90
N TYR B 81 -8.85 -1.63 5.87
CA TYR B 81 -7.48 -1.14 5.79
C TYR B 81 -7.41 0.33 5.37
N HIS B 82 -8.32 0.77 4.50
CA HIS B 82 -8.27 2.12 3.95
C HIS B 82 -9.49 2.93 4.36
N LEU B 83 -9.99 2.71 5.57
CA LEU B 83 -11.11 3.51 6.06
C LEU B 83 -10.71 4.97 6.22
N LYS B 84 -9.51 5.22 6.73
CA LYS B 84 -9.06 6.57 7.05
C LYS B 84 -8.33 7.25 5.89
N ASN B 85 -8.24 6.61 4.73
CA ASN B 85 -7.65 7.23 3.56
C ASN B 85 -8.64 7.35 2.40
N ASP B 86 -9.91 7.01 2.61
CA ASP B 86 -10.91 7.05 1.54
C ASP B 86 -11.36 8.49 1.31
N ASN B 87 -10.48 9.25 0.68
CA ASN B 87 -10.71 10.64 0.31
C ASN B 87 -10.59 10.80 -1.20
N LEU B 88 -10.83 12.02 -1.67
CA LEU B 88 -10.91 12.26 -3.12
C LEU B 88 -9.57 12.02 -3.82
N GLN B 89 -8.45 12.40 -3.20
CA GLN B 89 -7.17 12.21 -3.85
C GLN B 89 -6.85 10.72 -4.01
N PHE B 90 -7.18 9.91 -3.00
CA PHE B 90 -6.84 8.50 -3.06
C PHE B 90 -7.52 7.84 -4.25
N MET B 91 -8.81 8.11 -4.44
CA MET B 91 -9.51 7.54 -5.59
C MET B 91 -8.95 8.07 -6.91
N ALA B 92 -8.42 9.29 -6.90
CA ALA B 92 -7.84 9.84 -8.11
C ALA B 92 -6.53 9.15 -8.46
N LEU B 93 -5.91 8.47 -7.49
CA LEU B 93 -4.67 7.76 -7.75
C LEU B 93 -4.87 6.64 -8.78
N HIS B 94 -5.83 5.76 -8.52
CA HIS B 94 -6.01 4.60 -9.39
C HIS B 94 -6.49 5.01 -10.77
N VAL B 95 -7.27 6.08 -10.85
CA VAL B 95 -7.74 6.58 -12.15
C VAL B 95 -6.55 6.97 -13.01
N ALA B 96 -5.51 7.54 -12.40
CA ALA B 96 -4.34 7.99 -13.13
C ALA B 96 -3.38 6.84 -13.42
N THR B 97 -3.10 6.04 -12.41
CA THR B 97 -2.08 4.98 -12.51
C THR B 97 -2.42 3.98 -13.61
N ALA B 98 -3.68 3.53 -13.64
CA ALA B 98 -4.07 2.56 -14.66
C ALA B 98 -3.99 3.15 -16.05
N ALA B 99 -4.42 4.41 -16.21
CA ALA B 99 -4.36 5.06 -17.51
C ALA B 99 -2.92 5.18 -18.01
N LYS B 100 -2.02 5.60 -17.13
CA LYS B 100 -0.62 5.72 -17.52
C LYS B 100 -0.02 4.34 -17.82
N ASN B 101 -0.41 3.33 -17.06
CA ASN B 101 0.07 1.98 -17.33
C ASN B 101 -0.34 1.54 -18.73
N LEU B 102 -1.61 1.75 -19.08
CA LEU B 102 -2.11 1.37 -20.40
C LEU B 102 -1.39 2.16 -21.49
N HIS B 103 -1.21 3.46 -21.27
CA HIS B 103 -0.54 4.29 -22.28
C HIS B 103 0.89 3.82 -22.52
N ARG B 104 1.64 3.57 -21.44
CA ARG B 104 3.02 3.13 -21.58
C ARG B 104 3.09 1.75 -22.24
N GLU B 105 2.19 0.84 -21.87
CA GLU B 105 2.18 -0.48 -22.50
C GLU B 105 1.90 -0.37 -24.00
N LEU B 106 0.94 0.46 -24.38
CA LEU B 106 0.64 0.64 -25.80
C LEU B 106 1.82 1.25 -26.54
N ALA B 107 2.49 2.24 -25.94
CA ALA B 107 3.64 2.85 -26.59
C ALA B 107 4.78 1.85 -26.74
N ARG B 108 5.04 1.03 -25.72
CA ARG B 108 6.12 0.06 -25.80
C ARG B 108 5.83 -1.03 -26.82
N ASN B 109 4.58 -1.48 -26.90
CA ASN B 109 4.24 -2.53 -27.85
C ASN B 109 4.44 -2.08 -29.29
N HIS B 110 4.03 -0.84 -29.60
CA HIS B 110 4.17 -0.28 -30.94
C HIS B 110 3.55 -1.20 -32.00
N ALA B 111 2.42 -1.79 -31.66
CA ALA B 111 1.76 -2.73 -32.54
C ALA B 111 1.17 -2.02 -33.75
N GLU B 112 0.97 -2.78 -34.83
CA GLU B 112 0.38 -2.24 -36.04
C GLU B 112 -0.22 -3.39 -36.84
N SER B 113 -1.33 -3.11 -37.51
CA SER B 113 -2.02 -4.08 -38.35
C SER B 113 -2.36 -5.36 -37.56
N THR B 114 -2.84 -5.16 -36.34
CA THR B 114 -3.25 -6.27 -35.48
C THR B 114 -4.46 -5.85 -34.65
N LYS B 115 -5.25 -6.84 -34.26
CA LYS B 115 -6.44 -6.58 -33.48
C LYS B 115 -6.08 -6.29 -32.01
N ILE B 116 -7.02 -5.71 -31.29
CA ILE B 116 -6.81 -5.37 -29.89
C ILE B 116 -6.73 -6.66 -29.08
N ASP B 117 -5.57 -6.90 -28.47
CA ASP B 117 -5.37 -8.11 -27.70
C ASP B 117 -6.26 -8.11 -26.46
N THR B 118 -6.64 -9.32 -26.02
CA THR B 118 -7.56 -9.45 -24.90
C THR B 118 -7.01 -8.80 -23.63
N ARG B 119 -5.69 -8.78 -23.46
CA ARG B 119 -5.10 -8.10 -22.32
C ARG B 119 -5.45 -6.61 -22.33
N ILE B 120 -5.46 -6.00 -23.51
CA ILE B 120 -5.79 -4.57 -23.60
C ILE B 120 -7.22 -4.33 -23.18
N LEU B 121 -8.15 -5.18 -23.61
CA LEU B 121 -9.53 -5.05 -23.14
C LEU B 121 -9.62 -5.26 -21.64
N HIS B 122 -8.80 -6.16 -21.10
CA HIS B 122 -8.80 -6.36 -19.66
C HIS B 122 -8.36 -5.11 -18.92
N ASP B 123 -7.29 -4.45 -19.40
CA ASP B 123 -6.86 -3.22 -18.76
C ASP B 123 -7.90 -2.12 -18.91
N ILE B 124 -8.55 -2.04 -20.08
CA ILE B 124 -9.60 -1.04 -20.27
C ILE B 124 -10.73 -1.26 -19.28
N THR B 125 -11.12 -2.51 -19.08
CA THR B 125 -12.17 -2.82 -18.11
C THR B 125 -11.72 -2.48 -16.70
N ARG B 126 -10.46 -2.73 -16.37
CA ARG B 126 -9.95 -2.36 -15.05
C ARG B 126 -9.98 -0.86 -14.85
N THR B 127 -9.69 -0.10 -15.91
CA THR B 127 -9.64 1.36 -15.82
C THR B 127 -11.04 1.93 -15.56
N ILE B 128 -12.03 1.50 -16.32
CA ILE B 128 -13.38 2.02 -16.16
C ILE B 128 -13.94 1.64 -14.80
N ALA B 129 -13.58 0.46 -14.30
CA ALA B 129 -14.03 0.05 -12.97
C ALA B 129 -13.51 1.00 -11.90
N THR B 130 -12.34 1.60 -12.11
CA THR B 130 -11.79 2.55 -11.15
C THR B 130 -12.51 3.88 -11.17
N LEU B 131 -13.23 4.20 -12.26
CA LEU B 131 -13.97 5.45 -12.33
C LEU B 131 -15.18 5.44 -11.40
N LYS B 132 -15.72 4.25 -11.12
CA LYS B 132 -16.99 4.18 -10.40
C LYS B 132 -16.94 4.81 -9.02
N PRO B 133 -15.96 4.52 -8.15
CA PRO B 133 -15.94 5.21 -6.85
C PRO B 133 -15.80 6.71 -6.97
N LEU B 134 -15.00 7.19 -7.92
CA LEU B 134 -14.79 8.63 -8.07
C LEU B 134 -16.08 9.35 -8.41
N VAL B 135 -16.77 8.88 -9.46
CA VAL B 135 -18.02 9.51 -9.86
C VAL B 135 -19.09 9.31 -8.79
N GLY B 136 -19.09 8.14 -8.15
CA GLY B 136 -20.08 7.88 -7.12
C GLY B 136 -19.94 8.81 -5.93
N SER B 137 -18.71 9.19 -5.59
CA SER B 137 -18.50 10.15 -4.52
C SER B 137 -18.64 11.59 -4.97
N LEU B 138 -18.42 11.87 -6.25
CA LEU B 138 -18.45 13.25 -6.74
C LEU B 138 -19.88 13.77 -6.83
N GLU B 139 -20.82 12.94 -7.24
CA GLU B 139 -22.20 13.37 -7.44
C GLU B 139 -23.00 13.41 -6.15
N ARG B 140 -22.43 13.00 -5.03
CA ARG B 140 -23.15 12.98 -3.76
C ARG B 140 -23.08 14.36 -3.11
N THR B 141 -23.44 14.44 -1.83
CA THR B 141 -23.69 15.73 -1.18
C THR B 141 -22.53 16.71 -1.24
N PRO B 142 -21.28 16.34 -0.92
CA PRO B 142 -20.23 17.38 -0.86
C PRO B 142 -20.02 18.15 -2.15
N PHE B 143 -20.18 17.50 -3.30
CA PHE B 143 -19.79 18.11 -4.57
C PHE B 143 -20.93 18.05 -5.59
N ARG B 144 -22.14 18.38 -5.16
CA ARG B 144 -23.27 18.45 -6.08
C ARG B 144 -23.90 19.84 -6.15
N LYS B 145 -23.47 20.78 -5.32
CA LYS B 145 -24.02 22.13 -5.31
C LYS B 145 -23.04 23.16 -5.87
N GLN B 146 -22.02 22.71 -6.60
CA GLN B 146 -21.03 23.60 -7.20
C GLN B 146 -20.85 23.25 -8.67
N GLU B 147 -20.59 24.27 -9.49
CA GLU B 147 -20.51 24.08 -10.93
C GLU B 147 -19.21 23.42 -11.37
N MET B 148 -18.10 23.71 -10.70
CA MET B 148 -16.81 23.15 -11.12
C MET B 148 -16.81 21.63 -11.04
N TYR B 149 -17.35 21.09 -9.94
CA TYR B 149 -17.43 19.64 -9.82
C TYR B 149 -18.31 19.03 -10.90
N ARG B 150 -19.43 19.69 -11.23
CA ARG B 150 -20.30 19.17 -12.28
C ARG B 150 -19.59 19.16 -13.62
N GLU B 151 -18.83 20.22 -13.92
CA GLU B 151 -18.07 20.24 -15.17
C GLU B 151 -17.02 19.15 -15.20
N TYR B 152 -16.32 18.93 -14.08
CA TYR B 152 -15.33 17.87 -14.02
C TYR B 152 -15.97 16.50 -14.22
N CYS B 153 -17.13 16.27 -13.59
CA CYS B 153 -17.85 15.03 -13.77
C CYS B 153 -18.23 14.83 -15.22
N GLY B 154 -18.75 15.87 -15.87
CA GLY B 154 -19.12 15.75 -17.26
C GLY B 154 -17.92 15.41 -18.14
N ASN B 155 -16.79 16.06 -17.91
CA ASN B 155 -15.61 15.81 -18.73
C ASN B 155 -15.10 14.40 -18.54
N VAL B 156 -14.98 13.94 -17.30
CA VAL B 156 -14.47 12.59 -17.06
C VAL B 156 -15.45 11.55 -17.60
N LEU B 157 -16.76 11.81 -17.50
CA LEU B 157 -17.73 10.87 -18.03
C LEU B 157 -17.67 10.82 -19.55
N LYS B 158 -17.47 11.96 -20.21
CA LYS B 158 -17.32 11.95 -21.66
C LYS B 158 -16.09 11.16 -22.07
N CYS B 159 -14.98 11.33 -21.34
CA CYS B 159 -13.77 10.57 -21.66
C CYS B 159 -13.99 9.08 -21.46
N GLY B 160 -14.66 8.70 -20.36
CA GLY B 160 -14.93 7.29 -20.12
C GLY B 160 -15.86 6.70 -21.17
N LEU B 161 -16.86 7.46 -21.59
CA LEU B 161 -17.78 6.99 -22.61
C LEU B 161 -17.05 6.76 -23.93
N GLU B 162 -16.16 7.68 -24.30
CA GLU B 162 -15.35 7.47 -25.51
C GLU B 162 -14.46 6.24 -25.35
N LEU B 163 -13.82 6.09 -24.19
CA LEU B 163 -12.97 4.94 -23.92
C LEU B 163 -13.72 3.64 -24.15
N ALA B 164 -14.92 3.54 -23.58
CA ALA B 164 -15.69 2.30 -23.68
C ALA B 164 -16.23 2.08 -25.08
N THR B 165 -16.76 3.14 -25.70
CA THR B 165 -17.40 3.00 -27.01
C THR B 165 -16.40 2.60 -28.07
N ILE B 166 -15.23 3.22 -28.08
CA ILE B 166 -14.23 2.91 -29.11
C ILE B 166 -13.82 1.46 -29.02
N ALA B 167 -13.62 0.95 -27.80
CA ALA B 167 -13.22 -0.44 -27.64
C ALA B 167 -14.35 -1.40 -28.01
N HIS B 168 -15.56 -1.12 -27.54
CA HIS B 168 -16.65 -2.08 -27.70
C HIS B 168 -17.19 -2.11 -29.13
N ARG B 169 -17.14 -0.99 -29.83
CA ARG B 169 -17.79 -0.88 -31.13
C ARG B 169 -17.24 -1.88 -32.14
N ASP B 170 -15.96 -1.75 -32.50
CA ASP B 170 -15.35 -2.59 -33.51
C ASP B 170 -13.88 -2.84 -33.16
N ARG B 171 -13.31 -3.85 -33.81
CA ARG B 171 -11.90 -4.15 -33.67
C ARG B 171 -11.10 -3.31 -34.67
N PHE B 172 -9.79 -3.42 -34.59
CA PHE B 172 -8.91 -2.66 -35.47
C PHE B 172 -8.95 -3.20 -36.90
N GLN B 175 -6.33 2.23 -37.28
CA GLN B 175 -6.71 1.51 -36.08
C GLN B 175 -7.04 2.46 -34.94
N PRO B 176 -8.03 2.11 -34.13
CA PRO B 176 -8.38 2.92 -32.95
C PRO B 176 -7.27 3.04 -31.90
N VAL B 177 -6.08 2.48 -32.15
CA VAL B 177 -5.02 2.54 -31.14
C VAL B 177 -4.60 3.97 -30.82
N PRO B 178 -4.33 4.85 -31.79
CA PRO B 178 -4.09 6.25 -31.43
C PRO B 178 -5.25 6.90 -30.70
N ALA B 179 -6.49 6.54 -31.04
CA ALA B 179 -7.63 7.12 -30.35
C ALA B 179 -7.66 6.70 -28.88
N ILE B 180 -7.43 5.42 -28.60
CA ILE B 180 -7.44 4.96 -27.22
C ILE B 180 -6.26 5.56 -26.46
N ARG B 181 -5.12 5.72 -27.13
CA ARG B 181 -3.97 6.36 -26.50
C ARG B 181 -4.29 7.81 -26.12
N GLN B 182 -4.91 8.54 -27.04
CA GLN B 182 -5.24 9.94 -26.76
C GLN B 182 -6.26 10.06 -25.64
N SER B 183 -7.25 9.16 -25.61
CA SER B 183 -8.23 9.19 -24.53
C SER B 183 -7.58 8.87 -23.20
N ALA B 184 -6.64 7.92 -23.19
CA ALA B 184 -5.88 7.65 -21.97
C ALA B 184 -5.11 8.87 -21.52
N GLU B 185 -4.49 9.59 -22.46
CA GLU B 185 -3.75 10.79 -22.09
C GLU B 185 -4.67 11.84 -21.50
N ARG B 186 -5.85 12.04 -22.08
CA ARG B 186 -6.80 13.00 -21.51
C ARG B 186 -7.23 12.59 -20.12
N LEU B 187 -7.51 11.30 -19.91
CA LEU B 187 -7.90 10.82 -18.60
C LEU B 187 -6.79 11.06 -17.58
N GLU B 188 -5.55 10.77 -17.96
CA GLU B 188 -4.42 10.99 -17.07
C GLU B 188 -4.26 12.46 -16.72
N ASN B 189 -4.42 13.35 -17.72
CA ASN B 189 -4.29 14.77 -17.45
C ASN B 189 -5.38 15.25 -16.49
N LEU B 190 -6.61 14.80 -16.67
CA LEU B 190 -7.68 15.22 -15.77
C LEU B 190 -7.45 14.68 -14.35
N ALA B 191 -6.96 13.45 -14.23
CA ALA B 191 -6.64 12.92 -12.91
C ALA B 191 -5.53 13.72 -12.24
N ASN B 192 -4.51 14.10 -13.02
CA ASN B 192 -3.45 14.93 -12.46
C ASN B 192 -4.00 16.27 -12.02
N PHE B 193 -4.92 16.85 -12.79
CA PHE B 193 -5.50 18.13 -12.41
C PHE B 193 -6.25 18.02 -11.10
N VAL B 194 -7.02 16.94 -10.90
CA VAL B 194 -7.74 16.83 -9.63
C VAL B 194 -6.78 16.51 -8.49
N ILE B 195 -5.64 15.89 -8.79
CA ILE B 195 -4.67 15.60 -7.74
C ILE B 195 -3.98 16.88 -7.26
N GLN B 196 -3.53 17.72 -8.20
CA GLN B 196 -2.61 18.81 -7.87
C GLN B 196 -3.27 20.18 -7.90
N ASP B 197 -3.91 20.56 -9.00
CA ASP B 197 -4.25 21.97 -9.21
C ASP B 197 -5.37 22.42 -8.27
N ILE B 198 -6.40 21.60 -8.07
CA ILE B 198 -7.54 22.02 -7.25
C ILE B 198 -7.07 22.29 -5.83
N SER B 199 -7.42 23.46 -5.32
CA SER B 199 -6.96 23.93 -4.00
C SER B 199 -8.10 23.95 -2.99
N ASP B 200 -8.98 22.97 -3.04
CA ASP B 200 -9.98 23.04 -1.98
C ASP B 200 -9.71 21.99 -0.91
N PRO B 201 -9.97 22.31 0.36
CA PRO B 201 -9.64 21.37 1.43
C PRO B 201 -10.60 20.21 1.59
N MET B 202 -11.61 20.09 0.73
CA MET B 202 -12.54 18.96 0.82
C MET B 202 -11.91 17.68 0.30
N VAL B 203 -11.01 17.77 -0.67
CA VAL B 203 -10.46 16.60 -1.33
C VAL B 203 -9.47 15.89 -0.41
N LEU B 204 -9.30 16.40 0.80
CA LEU B 204 -8.41 15.81 1.79
C LEU B 204 -9.13 15.01 2.86
N GLN B 205 -10.32 15.45 3.27
CA GLN B 205 -11.01 14.81 4.40
C GLN B 205 -11.72 13.54 3.94
N PRO B 206 -11.46 12.39 4.56
CA PRO B 206 -12.19 11.17 4.19
C PRO B 206 -13.47 11.00 4.99
N ALA B 207 -14.18 9.89 4.78
CA ALA B 207 -15.42 9.63 5.50
C ALA B 207 -15.12 9.34 6.98
N SER B 208 -16.19 9.12 7.75
CA SER B 208 -16.04 8.95 9.18
C SER B 208 -17.15 8.03 9.70
N LEU B 209 -16.93 7.49 10.89
CA LEU B 209 -17.89 6.62 11.55
C LEU B 209 -18.73 7.40 12.55
N ASN B 210 -19.89 6.84 12.88
CA ASN B 210 -20.77 7.45 13.86
C ASN B 210 -21.76 6.42 14.36
N LEU B 211 -22.35 6.70 15.52
CA LEU B 211 -23.32 5.82 16.15
C LEU B 211 -24.69 6.49 16.16
N VAL B 212 -25.72 5.72 15.81
CA VAL B 212 -27.08 6.22 15.69
C VAL B 212 -28.02 5.26 16.40
N THR B 213 -28.92 5.81 17.22
CA THR B 213 -29.95 5.03 17.89
C THR B 213 -31.31 5.35 17.29
N LEU B 214 -32.10 4.31 17.04
CA LEU B 214 -33.43 4.46 16.46
C LEU B 214 -34.43 3.67 17.30
N LYS B 215 -35.69 4.11 17.23
CA LYS B 215 -36.75 3.46 17.99
C LYS B 215 -37.78 2.84 17.05
N GLU B 218 -42.21 1.35 18.85
CA GLU B 218 -42.13 0.30 17.84
C GLU B 218 -42.31 0.88 16.45
N SER B 219 -41.99 2.16 16.29
CA SER B 219 -42.12 2.82 15.00
C SER B 219 -41.09 2.26 14.03
N GLU B 220 -41.53 2.00 12.80
CA GLU B 220 -40.65 1.49 11.75
C GLU B 220 -40.06 2.69 11.01
N LEU B 221 -38.78 2.94 11.24
CA LEU B 221 -38.11 4.05 10.57
C LEU B 221 -38.09 3.82 9.07
N GLY B 222 -38.79 4.69 8.34
CA GLY B 222 -39.02 4.47 6.92
C GLY B 222 -37.92 4.96 6.01
N PHE B 223 -36.69 4.50 6.24
CA PHE B 223 -35.58 4.77 5.33
C PHE B 223 -35.46 3.58 4.38
N ASN B 224 -36.01 3.72 3.18
CA ASN B 224 -36.01 2.63 2.21
C ASN B 224 -34.60 2.43 1.68
N ILE B 225 -33.98 1.31 2.05
CA ILE B 225 -32.62 1.02 1.62
C ILE B 225 -32.63 0.65 0.14
N GLU B 226 -31.83 1.35 -0.65
CA GLU B 226 -31.66 1.07 -2.08
C GLU B 226 -30.27 0.46 -2.25
N SER B 227 -30.20 -0.86 -2.11
CA SER B 227 -28.93 -1.56 -2.23
C SER B 227 -28.48 -1.59 -3.68
N SER B 228 -27.22 -1.23 -3.91
CA SER B 228 -26.64 -1.27 -5.24
C SER B 228 -26.23 -2.70 -5.57
N TYR B 229 -25.48 -2.88 -6.66
CA TYR B 229 -24.99 -4.20 -7.01
C TYR B 229 -23.85 -4.65 -6.11
N ASN B 230 -23.21 -3.73 -5.39
CA ASN B 230 -22.08 -4.07 -4.53
C ASN B 230 -22.47 -4.34 -3.09
N GLY B 231 -23.77 -4.31 -2.77
CA GLY B 231 -24.20 -4.54 -1.41
C GLY B 231 -24.02 -3.37 -0.47
N ILE B 232 -23.66 -2.19 -0.99
CA ILE B 232 -23.50 -1.01 -0.15
C ILE B 232 -24.90 -0.50 0.23
N HIS B 233 -25.22 -0.58 1.51
CA HIS B 233 -26.55 -0.21 2.00
C HIS B 233 -26.59 1.29 2.23
N ARG B 234 -27.14 2.02 1.26
CA ARG B 234 -27.23 3.47 1.32
C ARG B 234 -28.67 3.88 1.60
N VAL B 235 -28.86 4.76 2.58
CA VAL B 235 -30.20 5.20 2.95
C VAL B 235 -30.71 6.17 1.90
N THR B 236 -31.94 5.93 1.43
CA THR B 236 -32.59 6.81 0.46
C THR B 236 -34.03 7.07 0.88
N ASP B 237 -34.51 8.27 0.52
CA ASP B 237 -35.90 8.67 0.73
C ASP B 237 -36.30 8.56 2.21
N ILE B 238 -35.63 9.36 3.03
CA ILE B 238 -35.99 9.44 4.44
C ILE B 238 -37.36 10.10 4.55
N LYS B 239 -38.25 9.48 5.32
CA LYS B 239 -39.61 9.98 5.42
C LYS B 239 -39.65 11.33 6.12
N TYR B 240 -40.62 12.15 5.71
CA TYR B 240 -40.68 13.55 6.11
C TYR B 240 -41.10 13.75 7.56
N ASN B 241 -41.51 12.68 8.25
CA ASN B 241 -41.96 12.82 9.63
C ASN B 241 -40.85 13.40 10.50
N SER B 242 -41.24 14.31 11.39
CA SER B 242 -40.26 15.05 12.19
C SER B 242 -39.35 14.15 13.04
N PRO B 243 -39.87 13.18 13.80
CA PRO B 243 -38.98 12.46 14.74
C PRO B 243 -37.83 11.74 14.06
N ALA B 244 -38.01 11.28 12.81
CA ALA B 244 -36.97 10.49 12.15
C ALA B 244 -35.66 11.26 12.05
N HIS B 245 -35.72 12.52 11.63
CA HIS B 245 -34.52 13.33 11.55
C HIS B 245 -34.29 14.20 12.79
N ASN B 246 -35.31 14.36 13.63
CA ASN B 246 -35.11 15.13 14.87
C ASN B 246 -34.32 14.34 15.90
N SER B 247 -34.63 13.04 16.04
CA SER B 247 -33.92 12.19 16.99
C SER B 247 -32.78 11.42 16.34
N GLY B 248 -32.85 11.18 15.03
CA GLY B 248 -31.81 10.47 14.33
C GLY B 248 -30.87 11.39 13.58
N LYS B 249 -29.69 10.86 13.25
CA LYS B 249 -28.68 11.59 12.49
C LYS B 249 -28.59 11.11 11.06
N ILE B 250 -29.57 10.35 10.59
CA ILE B 250 -29.52 9.79 9.24
C ILE B 250 -29.79 10.89 8.22
N GLU B 251 -29.22 10.72 7.03
CA GLU B 251 -29.42 11.65 5.93
C GLU B 251 -29.18 10.92 4.62
N ASP B 252 -29.54 11.57 3.52
CA ASP B 252 -29.34 11.00 2.20
C ASP B 252 -27.86 10.75 1.97
N GLY B 253 -27.53 9.56 1.46
CA GLY B 253 -26.15 9.18 1.23
C GLY B 253 -25.49 8.47 2.39
N ASP B 254 -26.14 8.42 3.55
CA ASP B 254 -25.57 7.72 4.69
C ASP B 254 -25.55 6.22 4.45
N GLU B 255 -24.52 5.55 4.96
CA GLU B 255 -24.31 4.12 4.73
C GLU B 255 -24.33 3.38 6.06
N ILE B 256 -25.03 2.25 6.08
CA ILE B 256 -25.15 1.41 7.28
C ILE B 256 -24.20 0.24 7.15
N VAL B 257 -23.38 0.01 8.17
CA VAL B 257 -22.38 -1.05 8.11
C VAL B 257 -22.59 -2.06 9.24
N GLN B 258 -23.15 -1.60 10.36
CA GLN B 258 -23.33 -2.46 11.53
C GLN B 258 -24.77 -2.37 12.03
N ILE B 259 -25.34 -3.52 12.38
CA ILE B 259 -26.63 -3.59 13.04
C ILE B 259 -26.45 -4.31 14.37
N ASN B 260 -26.75 -3.62 15.47
CA ASN B 260 -26.63 -4.17 16.81
C ASN B 260 -25.25 -4.77 17.04
N TYR B 261 -24.21 -4.04 16.63
CA TYR B 261 -22.82 -4.46 16.78
C TYR B 261 -22.54 -5.75 16.00
N GLN B 262 -22.84 -5.73 14.71
CA GLN B 262 -22.63 -6.88 13.84
C GLN B 262 -22.36 -6.40 12.42
N THR B 263 -21.19 -6.73 11.89
CA THR B 263 -20.82 -6.25 10.56
C THR B 263 -21.67 -6.93 9.49
N VAL B 264 -22.12 -6.14 8.51
CA VAL B 264 -22.96 -6.64 7.43
C VAL B 264 -22.43 -6.21 6.07
N VAL B 265 -21.15 -5.86 6.01
CA VAL B 265 -20.58 -5.42 4.75
C VAL B 265 -20.59 -6.56 3.74
N GLY B 266 -21.13 -6.29 2.55
CA GLY B 266 -21.14 -7.27 1.49
C GLY B 266 -22.25 -8.29 1.54
N TRP B 267 -23.27 -8.08 2.37
CA TRP B 267 -24.36 -9.04 2.48
C TRP B 267 -25.29 -8.93 1.28
N GLN B 268 -26.46 -9.57 1.36
CA GLN B 268 -27.53 -9.39 0.40
C GLN B 268 -28.63 -8.56 1.04
N HIS B 269 -29.26 -7.69 0.24
CA HIS B 269 -30.25 -6.76 0.77
C HIS B 269 -31.39 -7.47 1.48
N ARG B 270 -31.70 -8.71 1.12
CA ARG B 270 -32.87 -9.38 1.66
C ARG B 270 -32.79 -9.55 3.17
N THR B 271 -31.62 -9.99 3.68
CA THR B 271 -31.51 -10.27 5.10
C THR B 271 -31.40 -8.99 5.92
N VAL B 272 -30.87 -7.92 5.32
CA VAL B 272 -30.69 -6.67 6.04
C VAL B 272 -32.06 -6.11 6.43
N LEU B 273 -32.97 -6.05 5.47
CA LEU B 273 -34.33 -5.62 5.77
C LEU B 273 -35.00 -6.61 6.72
N GLU B 274 -34.76 -7.90 6.50
CA GLU B 274 -35.30 -8.92 7.39
C GLU B 274 -34.76 -8.75 8.81
N HIS B 275 -33.47 -8.48 8.94
CA HIS B 275 -32.89 -8.29 10.28
C HIS B 275 -33.45 -7.03 10.93
N LEU B 276 -33.60 -5.95 10.16
CA LEU B 276 -34.10 -4.70 10.72
C LEU B 276 -35.54 -4.84 11.19
N ARG B 277 -36.40 -5.46 10.37
CA ARG B 277 -37.80 -5.59 10.75
C ARG B 277 -37.98 -6.59 11.88
N GLU B 278 -37.10 -7.58 11.98
CA GLU B 278 -37.14 -8.55 13.06
C GLU B 278 -36.31 -8.13 14.26
N ALA B 279 -35.71 -6.94 14.22
CA ALA B 279 -34.89 -6.47 15.32
C ALA B 279 -35.76 -6.03 16.49
N LEU B 280 -35.10 -5.71 17.60
CA LEU B 280 -35.80 -5.25 18.79
C LEU B 280 -36.37 -3.85 18.56
N PRO B 281 -37.35 -3.44 19.38
CA PRO B 281 -37.86 -2.07 19.25
C PRO B 281 -36.78 -1.01 19.38
N ASP B 282 -35.80 -1.22 20.24
CA ASP B 282 -34.65 -0.33 20.37
C ASP B 282 -33.47 -0.95 19.62
N VAL B 283 -32.92 -0.20 18.66
CA VAL B 283 -31.87 -0.70 17.79
C VAL B 283 -30.72 0.29 17.79
N VAL B 284 -29.52 -0.23 17.54
CA VAL B 284 -28.30 0.57 17.47
C VAL B 284 -27.59 0.24 16.16
N LEU B 285 -27.17 1.27 15.44
CA LEU B 285 -26.53 1.09 14.14
C LEU B 285 -25.22 1.88 14.10
N THR B 286 -24.47 1.65 13.03
CA THR B 286 -23.23 2.39 12.76
C THR B 286 -23.33 2.98 11.36
N VAL B 287 -23.20 4.29 11.26
CA VAL B 287 -23.43 5.02 10.02
C VAL B 287 -22.11 5.63 9.57
N LYS B 288 -21.81 5.49 8.27
CA LYS B 288 -20.60 6.06 7.67
C LYS B 288 -20.99 7.37 7.02
N LYS B 289 -20.99 8.44 7.82
CA LYS B 289 -21.47 9.73 7.36
C LYS B 289 -20.57 10.31 6.28
N ARG B 290 -21.16 11.10 5.39
CA ARG B 290 -20.41 11.81 4.37
C ARG B 290 -19.62 12.96 5.00
N PRO B 291 -18.54 13.41 4.35
CA PRO B 291 -17.70 14.46 4.95
C PRO B 291 -18.48 15.74 5.20
N LYS B 292 -18.15 16.40 6.31
CA LYS B 292 -18.77 17.65 6.69
C LYS B 292 -17.71 18.50 7.38
N HIS B 293 -18.15 19.59 8.02
CA HIS B 293 -17.23 20.50 8.71
C HIS B 293 -17.80 20.86 10.07
N THR B 294 -16.99 20.70 11.11
CA THR B 294 -17.39 21.06 12.47
C THR B 294 -17.08 22.54 12.68
N LYS B 295 -17.99 23.39 12.20
CA LYS B 295 -17.79 24.82 12.22
C LYS B 295 -17.87 25.42 13.61
N MET B 296 -18.30 24.66 14.61
CA MET B 296 -18.44 25.14 15.99
C MET B 296 -19.29 26.41 16.07
N GLU C 81 21.66 -16.37 30.62
CA GLU C 81 22.19 -17.28 29.61
C GLU C 81 23.34 -16.65 28.84
N LEU C 82 23.06 -16.24 27.59
CA LEU C 82 24.08 -15.61 26.77
C LEU C 82 24.50 -14.26 27.35
N SER C 83 25.80 -14.00 27.31
CA SER C 83 26.34 -12.74 27.81
C SER C 83 27.54 -12.35 26.95
N ASP C 84 27.80 -11.05 26.89
CA ASP C 84 28.92 -10.54 26.10
C ASP C 84 30.27 -10.83 26.72
N GLU C 85 30.31 -11.25 27.99
CA GLU C 85 31.58 -11.49 28.66
C GLU C 85 32.34 -12.66 28.03
N ASP C 86 31.63 -13.72 27.66
CA ASP C 86 32.26 -14.94 27.18
C ASP C 86 32.44 -14.97 25.66
N LEU C 87 32.13 -13.89 24.97
CA LEU C 87 32.30 -13.81 23.52
C LEU C 87 33.63 -13.12 23.21
N GLU C 88 34.41 -13.72 22.33
CA GLU C 88 35.71 -13.21 21.96
C GLU C 88 35.63 -12.49 20.61
N LYS C 89 36.79 -12.10 20.08
CA LYS C 89 36.89 -11.37 18.83
C LYS C 89 37.76 -12.16 17.86
N LEU C 90 37.24 -12.38 16.65
CA LEU C 90 37.95 -13.17 15.65
C LEU C 90 38.09 -12.41 14.34
N GLY C 91 38.56 -13.09 13.29
CA GLY C 91 38.73 -12.45 12.01
C GLY C 91 37.41 -12.16 11.32
N GLU C 92 37.45 -11.17 10.43
CA GLU C 92 36.27 -10.72 9.71
C GLU C 92 36.63 -10.53 8.24
N LEU C 93 35.61 -10.60 7.39
CA LEU C 93 35.81 -10.38 5.96
C LEU C 93 36.35 -8.98 5.68
N GLY C 94 35.80 -7.97 6.37
CA GLY C 94 36.25 -6.61 6.16
C GLY C 94 35.88 -5.75 7.35
N SER C 95 36.37 -4.51 7.31
CA SER C 95 36.12 -3.51 8.35
C SER C 95 35.24 -2.41 7.76
N GLY C 96 33.98 -2.38 8.19
CA GLY C 96 33.05 -1.36 7.72
C GLY C 96 32.47 -1.61 6.35
N ASN C 97 32.76 -2.76 5.74
CA ASN C 97 32.22 -3.07 4.42
C ASN C 97 30.72 -3.34 4.55
N GLY C 98 29.91 -2.42 4.05
CA GLY C 98 28.47 -2.52 4.28
C GLY C 98 28.18 -2.45 5.77
N GLY C 99 27.40 -3.40 6.25
CA GLY C 99 27.16 -3.51 7.67
C GLY C 99 28.36 -4.09 8.39
N VAL C 100 28.27 -4.10 9.72
CA VAL C 100 29.35 -4.58 10.57
C VAL C 100 28.90 -5.86 11.27
N VAL C 101 29.63 -6.94 11.02
CA VAL C 101 29.46 -8.21 11.73
C VAL C 101 30.85 -8.69 12.13
N MET C 102 30.89 -9.62 13.09
CA MET C 102 32.17 -10.06 13.62
C MET C 102 32.04 -11.50 14.09
N LYS C 103 32.88 -12.39 13.53
CA LYS C 103 32.88 -13.78 13.94
C LYS C 103 33.33 -13.91 15.38
N VAL C 104 32.72 -14.85 16.11
CA VAL C 104 33.05 -15.09 17.52
C VAL C 104 33.18 -16.59 17.73
N ARG C 105 34.22 -16.98 18.46
CA ARG C 105 34.39 -18.36 18.91
C ARG C 105 34.18 -18.40 20.42
N HIS C 106 33.17 -19.14 20.85
CA HIS C 106 32.88 -19.24 22.27
C HIS C 106 33.97 -20.01 22.98
N THR C 107 34.37 -19.54 24.16
CA THR C 107 35.37 -20.24 24.95
C THR C 107 34.86 -21.60 25.41
N HIS C 108 33.59 -21.68 25.80
CA HIS C 108 33.03 -22.93 26.31
C HIS C 108 32.65 -23.83 25.15
N THR C 109 33.25 -25.03 25.10
CA THR C 109 32.99 -26.05 24.09
C THR C 109 33.13 -25.54 22.66
N HIS C 110 33.82 -24.41 22.48
CA HIS C 110 34.22 -23.90 21.17
C HIS C 110 33.05 -23.82 20.20
N LEU C 111 32.08 -22.97 20.54
CA LEU C 111 30.92 -22.72 19.69
C LEU C 111 31.28 -21.60 18.72
N ILE C 112 31.60 -21.98 17.47
CA ILE C 112 31.83 -20.98 16.44
C ILE C 112 30.48 -20.41 16.00
N MET C 113 30.38 -19.08 16.01
CA MET C 113 29.07 -18.43 15.93
C MET C 113 29.27 -16.95 15.64
N ALA C 114 28.46 -16.42 14.73
CA ALA C 114 28.61 -15.05 14.27
C ALA C 114 27.80 -14.10 15.15
N ARG C 115 28.03 -12.81 14.95
CA ARG C 115 27.34 -11.77 15.70
C ARG C 115 26.89 -10.66 14.76
N LYS C 116 25.84 -9.95 15.18
CA LYS C 116 25.24 -8.87 14.41
C LYS C 116 25.27 -7.61 15.25
N LEU C 117 25.95 -6.58 14.76
CA LEU C 117 26.05 -5.31 15.46
C LEU C 117 24.86 -4.44 15.05
N ILE C 118 23.88 -4.31 15.94
CA ILE C 118 22.70 -3.51 15.70
C ILE C 118 22.70 -2.39 16.74
N HIS C 119 22.71 -1.15 16.28
CA HIS C 119 22.89 0.03 17.12
C HIS C 119 21.63 0.88 17.14
N LEU C 120 21.11 1.13 18.34
CA LEU C 120 19.92 1.94 18.51
C LEU C 120 20.12 2.94 19.65
N GLU C 121 19.32 4.00 19.62
CA GLU C 121 19.26 5.00 20.69
C GLU C 121 17.79 5.09 21.11
N VAL C 122 17.40 4.21 22.03
CA VAL C 122 16.01 4.12 22.48
C VAL C 122 15.99 4.18 24.00
N LYS C 123 14.96 4.82 24.54
CA LYS C 123 14.79 4.87 25.98
C LYS C 123 14.49 3.47 26.53
N PRO C 124 14.89 3.19 27.77
CA PRO C 124 14.71 1.83 28.31
C PRO C 124 13.25 1.40 28.45
N ALA C 125 12.30 2.34 28.39
CA ALA C 125 10.90 1.97 28.57
C ALA C 125 10.43 1.00 27.50
N ILE C 126 10.79 1.26 26.24
CA ILE C 126 10.43 0.35 25.16
C ILE C 126 11.49 -0.72 24.93
N LYS C 127 12.64 -0.63 25.62
CA LYS C 127 13.69 -1.62 25.45
C LYS C 127 13.20 -3.02 25.81
N LYS C 128 12.48 -3.14 26.93
CA LYS C 128 11.89 -4.43 27.28
C LYS C 128 10.86 -4.88 26.25
N GLN C 129 10.08 -3.94 25.71
CA GLN C 129 9.09 -4.29 24.69
C GLN C 129 9.77 -4.89 23.46
N ILE C 130 10.89 -4.31 23.02
CA ILE C 130 11.64 -4.95 21.95
C ILE C 130 12.19 -6.30 22.40
N LEU C 131 12.69 -6.38 23.63
CA LEU C 131 13.33 -7.61 24.09
C LEU C 131 12.36 -8.78 24.11
N ARG C 132 11.09 -8.54 24.42
CA ARG C 132 10.12 -9.63 24.50
C ARG C 132 9.75 -10.21 23.14
N GLU C 133 10.17 -9.60 22.03
CA GLU C 133 9.76 -10.03 20.71
C GLU C 133 10.81 -10.86 19.98
N LEU C 134 11.89 -11.26 20.64
CA LEU C 134 12.91 -12.10 20.02
C LEU C 134 12.80 -13.56 20.42
N LYS C 135 11.83 -13.94 21.26
CA LYS C 135 11.70 -15.34 21.64
C LYS C 135 11.11 -16.17 20.51
N VAL C 136 10.18 -15.59 19.76
CA VAL C 136 9.64 -16.26 18.58
C VAL C 136 10.75 -16.51 17.56
N LEU C 137 11.80 -15.69 17.60
CA LEU C 137 12.94 -15.90 16.72
C LEU C 137 13.67 -17.19 17.06
N HIS C 138 13.67 -17.58 18.33
CA HIS C 138 14.32 -18.83 18.75
C HIS C 138 13.38 -20.02 18.72
N GLU C 139 12.07 -19.81 18.79
CA GLU C 139 11.11 -20.91 18.79
C GLU C 139 10.71 -21.30 17.37
N CYS C 140 11.72 -21.64 16.57
CA CYS C 140 11.48 -22.12 15.21
C CYS C 140 12.71 -22.89 14.76
N ASN C 141 12.59 -24.21 14.63
CA ASN C 141 13.71 -25.10 14.36
C ASN C 141 13.60 -25.77 13.00
N PHE C 142 13.13 -25.04 11.99
CA PHE C 142 13.04 -25.63 10.66
C PHE C 142 14.44 -25.78 10.05
N PRO C 143 14.67 -26.82 9.26
CA PRO C 143 16.00 -26.98 8.65
C PRO C 143 16.43 -25.82 7.78
N HIS C 144 15.51 -25.21 7.04
CA HIS C 144 15.88 -24.14 6.11
C HIS C 144 15.71 -22.76 6.75
N ILE C 145 16.28 -22.58 7.94
CA ILE C 145 16.33 -21.29 8.62
C ILE C 145 17.57 -21.29 9.50
N VAL C 146 18.28 -20.16 9.52
CA VAL C 146 19.47 -20.05 10.33
C VAL C 146 19.10 -20.10 11.81
N GLY C 147 19.91 -20.80 12.60
CA GLY C 147 19.62 -20.94 14.01
C GLY C 147 19.81 -19.65 14.77
N PHE C 148 19.13 -19.58 15.92
CA PHE C 148 19.19 -18.42 16.80
C PHE C 148 19.70 -18.87 18.16
N TYR C 149 20.73 -18.19 18.66
CA TYR C 149 21.35 -18.57 19.92
C TYR C 149 20.95 -17.68 21.09
N GLY C 150 20.72 -16.40 20.84
CA GLY C 150 20.30 -15.52 21.92
C GLY C 150 20.41 -14.06 21.50
N ALA C 151 20.02 -13.20 22.45
CA ALA C 151 20.09 -11.76 22.24
C ALA C 151 20.40 -11.10 23.57
N PHE C 152 21.24 -10.05 23.52
CA PHE C 152 21.60 -9.32 24.72
C PHE C 152 22.02 -7.91 24.33
N TYR C 153 22.06 -7.04 25.33
CA TYR C 153 22.37 -5.62 25.14
C TYR C 153 23.72 -5.30 25.78
N SER C 154 24.50 -4.46 25.11
CA SER C 154 25.84 -4.11 25.60
C SER C 154 26.19 -2.71 25.11
N ASP C 155 26.07 -1.72 25.99
CA ASP C 155 26.59 -0.38 25.78
C ASP C 155 25.99 0.28 24.53
N GLY C 156 24.68 0.48 24.57
CA GLY C 156 23.99 1.22 23.54
C GLY C 156 23.67 0.46 22.27
N GLU C 157 24.00 -0.82 22.19
CA GLU C 157 23.74 -1.62 21.00
C GLU C 157 23.05 -2.92 21.39
N ILE C 158 22.14 -3.37 20.53
CA ILE C 158 21.47 -4.65 20.69
C ILE C 158 22.26 -5.70 19.91
N SER C 159 22.67 -6.77 20.58
CA SER C 159 23.47 -7.82 19.98
C SER C 159 22.62 -9.05 19.77
N ILE C 160 22.56 -9.52 18.53
CA ILE C 160 21.84 -10.73 18.16
C ILE C 160 22.80 -11.63 17.39
N CYS C 161 22.94 -12.87 17.81
CA CYS C 161 23.92 -13.80 17.26
C CYS C 161 23.21 -14.97 16.59
N MET C 162 23.71 -15.37 15.43
CA MET C 162 23.14 -16.47 14.67
C MET C 162 24.25 -17.37 14.16
N GLU C 163 23.88 -18.60 13.78
CA GLU C 163 24.86 -19.62 13.40
C GLU C 163 25.73 -19.13 12.25
N TYR C 164 27.03 -19.34 12.39
CA TYR C 164 27.99 -18.85 11.40
C TYR C 164 28.06 -19.80 10.21
N MET C 165 27.97 -19.23 9.01
CA MET C 165 28.08 -19.99 7.77
C MET C 165 29.35 -19.60 7.04
N ASP C 166 30.14 -20.59 6.65
CA ASP C 166 31.44 -20.33 6.05
C ASP C 166 31.35 -20.03 4.56
N GLY C 167 30.16 -20.06 3.97
CA GLY C 167 30.02 -19.80 2.55
C GLY C 167 29.94 -18.33 2.21
N GLY C 168 28.96 -17.63 2.81
CA GLY C 168 28.82 -16.20 2.59
C GLY C 168 27.40 -15.78 2.26
N SER C 169 27.23 -15.16 1.10
CA SER C 169 25.91 -14.73 0.66
C SER C 169 25.91 -14.68 -0.87
N LEU C 170 24.70 -14.65 -1.44
CA LEU C 170 24.59 -14.72 -2.89
C LEU C 170 25.14 -13.47 -3.58
N ASP C 171 25.18 -12.35 -2.87
CA ASP C 171 25.73 -11.13 -3.45
C ASP C 171 27.20 -11.31 -3.82
N LEU C 172 28.01 -11.77 -2.86
CA LEU C 172 29.44 -11.90 -3.10
C LEU C 172 29.72 -12.91 -4.21
N ILE C 173 29.03 -14.06 -4.18
CA ILE C 173 29.23 -15.07 -5.21
C ILE C 173 28.82 -14.53 -6.57
N LEU C 174 27.74 -13.75 -6.62
CA LEU C 174 27.33 -13.14 -7.88
C LEU C 174 28.39 -12.18 -8.40
N LYS C 175 28.97 -11.37 -7.50
CA LYS C 175 30.00 -10.43 -7.93
C LYS C 175 31.24 -11.13 -8.47
N ARG C 176 31.67 -12.20 -7.81
CA ARG C 176 32.87 -12.90 -8.27
C ARG C 176 32.60 -13.70 -9.54
N ALA C 177 31.66 -14.66 -9.47
CA ALA C 177 31.42 -15.55 -10.59
C ALA C 177 30.86 -14.81 -11.80
N GLY C 178 29.82 -14.02 -11.60
CA GLY C 178 29.20 -13.29 -12.68
C GLY C 178 27.73 -13.60 -12.88
N ARG C 179 27.36 -14.86 -12.69
CA ARG C 179 25.97 -15.28 -12.80
C ARG C 179 25.84 -16.66 -12.16
N ILE C 180 24.65 -17.23 -12.24
CA ILE C 180 24.39 -18.56 -11.67
C ILE C 180 23.66 -19.40 -12.71
N PRO C 181 24.05 -20.66 -12.92
CA PRO C 181 23.33 -21.51 -13.88
C PRO C 181 21.91 -21.84 -13.43
N GLU C 182 21.20 -22.62 -14.23
CA GLU C 182 19.76 -22.82 -14.00
C GLU C 182 19.51 -23.74 -12.80
N SER C 183 20.30 -24.82 -12.68
CA SER C 183 20.00 -25.85 -11.67
C SER C 183 20.19 -25.31 -10.26
N ILE C 184 21.26 -24.56 -10.02
CA ILE C 184 21.48 -23.97 -8.71
C ILE C 184 20.37 -23.00 -8.38
N LEU C 185 19.93 -22.23 -9.39
CA LEU C 185 18.81 -21.31 -9.18
C LEU C 185 17.55 -22.07 -8.78
N GLY C 186 17.29 -23.20 -9.44
CA GLY C 186 16.12 -23.98 -9.07
C GLY C 186 16.18 -24.51 -7.66
N ARG C 187 17.34 -25.02 -7.26
CA ARG C 187 17.47 -25.54 -5.89
C ARG C 187 17.30 -24.42 -4.87
N ILE C 188 17.88 -23.25 -5.12
CA ILE C 188 17.71 -22.11 -4.23
C ILE C 188 16.23 -21.72 -4.14
N THR C 189 15.55 -21.68 -5.28
CA THR C 189 14.13 -21.33 -5.27
C THR C 189 13.34 -22.32 -4.43
N LEU C 190 13.64 -23.61 -4.57
CA LEU C 190 12.96 -24.61 -3.77
C LEU C 190 13.19 -24.39 -2.28
N ALA C 191 14.43 -24.11 -1.90
CA ALA C 191 14.75 -23.92 -0.48
C ALA C 191 14.01 -22.71 0.09
N VAL C 192 14.05 -21.58 -0.62
CA VAL C 192 13.39 -20.38 -0.10
C VAL C 192 11.88 -20.54 -0.09
N LEU C 193 11.33 -21.21 -1.09
CA LEU C 193 9.88 -21.44 -1.11
C LEU C 193 9.46 -22.28 0.08
N LYS C 194 10.20 -23.35 0.37
CA LYS C 194 9.87 -24.18 1.53
C LYS C 194 9.97 -23.38 2.83
N GLY C 195 11.04 -22.58 2.97
CA GLY C 195 11.19 -21.79 4.18
C GLY C 195 10.06 -20.79 4.37
N LEU C 196 9.71 -20.07 3.30
CA LEU C 196 8.63 -19.09 3.39
C LEU C 196 7.31 -19.76 3.71
N SER C 197 7.03 -20.90 3.07
CA SER C 197 5.80 -21.62 3.35
C SER C 197 5.75 -22.05 4.81
N TYR C 198 6.86 -22.56 5.34
CA TYR C 198 6.88 -22.96 6.75
C TYR C 198 6.59 -21.78 7.66
N LEU C 199 7.28 -20.66 7.43
CA LEU C 199 7.11 -19.50 8.30
C LEU C 199 5.67 -19.02 8.28
N ARG C 200 5.11 -18.85 7.08
CA ARG C 200 3.74 -18.33 6.96
C ARG C 200 2.73 -19.31 7.56
N ASP C 201 2.90 -20.61 7.33
CA ASP C 201 1.93 -21.58 7.82
C ASP C 201 1.99 -21.73 9.34
N ASN C 202 3.18 -21.63 9.93
CA ASN C 202 3.29 -21.92 11.36
C ASN C 202 3.13 -20.67 12.23
N HIS C 203 3.79 -19.56 11.88
CA HIS C 203 3.74 -18.38 12.73
C HIS C 203 3.17 -17.14 12.04
N ALA C 204 2.80 -17.24 10.77
CA ALA C 204 2.21 -16.12 10.03
C ALA C 204 3.11 -14.89 10.08
N ILE C 205 4.40 -15.10 9.85
CA ILE C 205 5.38 -14.03 9.82
C ILE C 205 5.72 -13.74 8.36
N ILE C 206 5.52 -12.50 7.94
CA ILE C 206 5.82 -12.08 6.58
C ILE C 206 7.25 -11.58 6.52
N HIS C 207 8.03 -12.14 5.59
CA HIS C 207 9.45 -11.80 5.51
C HIS C 207 9.64 -10.31 5.28
N ARG C 208 9.17 -9.80 4.15
CA ARG C 208 9.20 -8.39 3.77
C ARG C 208 10.61 -7.92 3.42
N ASP C 209 11.62 -8.76 3.68
CA ASP C 209 13.01 -8.49 3.31
C ASP C 209 13.51 -9.72 2.56
N VAL C 210 13.28 -9.76 1.25
CA VAL C 210 13.75 -10.85 0.41
C VAL C 210 14.61 -10.26 -0.68
N LYS C 211 15.88 -10.66 -0.72
CA LYS C 211 16.85 -10.17 -1.69
C LYS C 211 18.06 -11.11 -1.66
N PRO C 212 18.90 -11.08 -2.71
CA PRO C 212 20.05 -11.98 -2.72
C PRO C 212 21.01 -11.75 -1.56
N SER C 213 20.82 -10.66 -0.83
CA SER C 213 21.66 -10.34 0.31
C SER C 213 21.20 -11.02 1.59
N ASN C 214 20.11 -11.78 1.55
CA ASN C 214 19.57 -12.44 2.74
C ASN C 214 19.51 -13.96 2.57
N ILE C 215 20.32 -14.53 1.69
CA ILE C 215 20.35 -15.96 1.45
C ILE C 215 21.76 -16.45 1.72
N LEU C 216 21.93 -17.28 2.75
CA LEU C 216 23.22 -17.76 3.18
C LEU C 216 23.43 -19.19 2.71
N VAL C 217 24.59 -19.46 2.12
CA VAL C 217 24.93 -20.77 1.59
C VAL C 217 26.06 -21.35 2.43
N ASN C 218 25.93 -22.62 2.81
CA ASN C 218 26.95 -23.31 3.59
C ASN C 218 27.99 -23.92 2.64
N SER C 219 28.86 -24.77 3.19
CA SER C 219 29.88 -25.44 2.41
C SER C 219 29.50 -26.84 1.97
N SER C 220 28.68 -27.55 2.77
CA SER C 220 28.24 -28.89 2.39
C SER C 220 27.30 -28.84 1.20
N GLY C 221 26.48 -27.79 1.09
CA GLY C 221 25.54 -27.66 -0.01
C GLY C 221 24.18 -27.17 0.42
N GLU C 222 24.05 -26.85 1.71
CA GLU C 222 22.78 -26.39 2.24
C GLU C 222 22.50 -24.96 1.79
N ILE C 223 21.25 -24.54 1.99
CA ILE C 223 20.80 -23.17 1.71
C ILE C 223 19.91 -22.72 2.86
N LYS C 224 20.12 -21.50 3.33
CA LYS C 224 19.33 -21.02 4.47
C LYS C 224 18.73 -19.65 4.19
N ILE C 225 18.15 -19.03 5.22
CA ILE C 225 17.47 -17.75 5.10
C ILE C 225 17.61 -17.02 6.43
N CYS C 226 17.62 -15.69 6.38
CA CYS C 226 17.84 -14.90 7.58
C CYS C 226 17.32 -13.49 7.36
N ASP C 227 17.25 -12.74 8.46
CA ASP C 227 16.85 -11.32 8.44
C ASP C 227 15.42 -11.15 7.95
N PHE C 228 14.48 -11.81 8.61
CA PHE C 228 13.07 -11.68 8.30
C PHE C 228 12.37 -10.88 9.39
N GLY C 229 11.53 -9.93 8.97
CA GLY C 229 10.89 -9.03 9.91
C GLY C 229 9.97 -9.72 10.88
N VAL C 230 10.38 -9.82 12.14
CA VAL C 230 9.58 -10.45 13.18
C VAL C 230 9.00 -9.42 14.15
N SER C 231 9.80 -8.44 14.56
CA SER C 231 9.36 -7.41 15.49
C SER C 231 9.12 -6.12 14.71
N GLY C 232 7.85 -5.71 14.61
CA GLY C 232 7.53 -4.48 13.93
C GLY C 232 7.91 -3.24 14.70
N GLN C 233 8.05 -3.35 16.03
CA GLN C 233 8.42 -2.19 16.83
C GLN C 233 9.84 -1.73 16.53
N LEU C 234 10.72 -2.65 16.15
CA LEU C 234 12.09 -2.26 15.80
C LEU C 234 12.11 -1.35 14.58
N ILE C 235 11.24 -1.62 13.60
CA ILE C 235 11.14 -0.74 12.44
C ILE C 235 10.69 0.65 12.87
N ASP C 236 9.67 0.71 13.73
CA ASP C 236 9.15 2.00 14.19
C ASP C 236 10.15 2.77 15.03
N SER C 237 11.17 2.10 15.58
CA SER C 237 12.14 2.75 16.45
C SER C 237 13.55 2.69 15.88
N MET C 238 13.70 2.40 14.59
CA MET C 238 15.02 2.33 13.99
C MET C 238 15.66 3.71 13.95
N ALA C 239 16.96 3.75 14.24
CA ALA C 239 17.67 5.03 14.31
C ALA C 239 17.81 5.66 12.93
N ASN C 240 18.26 4.88 11.95
CA ASN C 240 18.51 5.41 10.61
C ASN C 240 17.87 4.55 9.55
N SER C 241 18.18 4.83 8.29
CA SER C 241 17.76 4.00 7.17
C SER C 241 18.67 4.29 5.99
N PHE C 242 18.65 3.38 5.02
CA PHE C 242 19.45 3.52 3.81
C PHE C 242 18.58 3.19 2.61
N VAL C 243 18.95 3.73 1.45
CA VAL C 243 18.13 3.57 0.26
C VAL C 243 18.87 2.76 -0.79
N GLY C 244 20.05 3.23 -1.19
CA GLY C 244 20.86 2.52 -2.17
C GLY C 244 20.33 2.67 -3.58
N THR C 245 21.14 2.20 -4.53
CA THR C 245 20.79 2.25 -5.94
C THR C 245 20.02 1.02 -6.40
N ARG C 246 19.77 0.06 -5.53
CA ARG C 246 19.03 -1.15 -5.85
C ARG C 246 17.88 -1.29 -4.87
N SER C 247 16.66 -1.37 -5.39
CA SER C 247 15.47 -1.49 -4.57
C SER C 247 14.68 -2.71 -4.99
N TYR C 248 14.08 -3.40 -4.02
CA TYR C 248 13.34 -4.64 -4.27
C TYR C 248 11.91 -4.54 -3.77
N MET C 249 11.36 -3.33 -3.69
CA MET C 249 9.99 -3.18 -3.20
C MET C 249 9.00 -3.53 -4.30
N SER C 250 7.72 -3.55 -3.92
CA SER C 250 6.64 -3.91 -4.84
C SER C 250 5.86 -2.68 -5.27
N PRO C 251 5.34 -2.69 -6.50
CA PRO C 251 4.56 -1.54 -6.96
C PRO C 251 3.39 -1.17 -6.07
N GLU C 252 2.75 -2.17 -5.44
CA GLU C 252 1.70 -1.84 -4.49
C GLU C 252 2.27 -1.28 -3.20
N ARG C 253 3.51 -1.64 -2.86
CA ARG C 253 4.12 -1.12 -1.64
C ARG C 253 4.43 0.37 -1.76
N LEU C 254 4.89 0.81 -2.93
CA LEU C 254 5.25 2.20 -3.13
C LEU C 254 4.04 3.13 -3.15
N GLN C 255 2.82 2.58 -3.27
CA GLN C 255 1.62 3.39 -3.31
C GLN C 255 0.88 3.40 -1.99
N GLY C 256 1.53 2.98 -0.90
CA GLY C 256 0.95 3.05 0.42
C GLY C 256 0.05 1.90 0.80
N THR C 257 -0.09 0.88 -0.04
CA THR C 257 -0.89 -0.28 0.32
C THR C 257 -0.21 -1.08 1.42
N HIS C 258 -1.01 -1.89 2.10
CA HIS C 258 -0.49 -2.69 3.22
C HIS C 258 0.50 -3.73 2.72
N TYR C 259 1.11 -4.43 3.67
CA TYR C 259 2.03 -5.51 3.38
C TYR C 259 1.30 -6.84 3.44
N SER C 260 1.40 -7.63 2.38
CA SER C 260 0.76 -8.92 2.28
C SER C 260 1.77 -9.94 1.79
N VAL C 261 1.37 -11.21 1.81
CA VAL C 261 2.27 -12.28 1.39
C VAL C 261 2.59 -12.15 -0.10
N GLN C 262 1.68 -11.56 -0.88
CA GLN C 262 1.89 -11.46 -2.32
C GLN C 262 3.01 -10.49 -2.68
N SER C 263 3.47 -9.66 -1.74
CA SER C 263 4.58 -8.76 -2.03
C SER C 263 5.89 -9.52 -2.14
N ASP C 264 6.05 -10.62 -1.38
CA ASP C 264 7.29 -11.37 -1.41
C ASP C 264 7.55 -11.99 -2.77
N ILE C 265 6.50 -12.38 -3.49
CA ILE C 265 6.68 -13.06 -4.76
C ILE C 265 7.32 -12.13 -5.79
N TRP C 266 6.91 -10.86 -5.80
CA TRP C 266 7.49 -9.90 -6.74
C TRP C 266 8.98 -9.74 -6.51
N SER C 267 9.38 -9.58 -5.23
CA SER C 267 10.78 -9.43 -4.91
C SER C 267 11.57 -10.69 -5.23
N LEU C 268 11.00 -11.86 -4.96
CA LEU C 268 11.68 -13.11 -5.28
C LEU C 268 11.89 -13.26 -6.77
N GLY C 269 10.88 -12.91 -7.57
CA GLY C 269 11.04 -12.95 -9.02
C GLY C 269 12.10 -11.98 -9.50
N LEU C 270 12.11 -10.77 -8.95
CA LEU C 270 13.12 -9.79 -9.32
C LEU C 270 14.52 -10.31 -8.99
N SER C 271 14.67 -10.93 -7.81
CA SER C 271 15.95 -11.52 -7.45
C SER C 271 16.34 -12.61 -8.43
N LEU C 272 15.38 -13.43 -8.84
CA LEU C 272 15.68 -14.50 -9.79
C LEU C 272 16.20 -13.92 -11.10
N VAL C 273 15.56 -12.87 -11.61
CA VAL C 273 16.08 -12.23 -12.82
C VAL C 273 17.48 -11.67 -12.57
N GLU C 274 17.70 -11.08 -11.39
CA GLU C 274 18.99 -10.48 -11.09
C GLU C 274 20.10 -11.52 -11.13
N MET C 275 19.87 -12.67 -10.49
CA MET C 275 20.89 -13.71 -10.52
C MET C 275 20.97 -14.43 -11.87
N ALA C 276 19.90 -14.38 -12.67
CA ALA C 276 19.94 -15.03 -13.97
C ALA C 276 20.77 -14.22 -14.97
N ILE C 277 20.60 -12.91 -14.97
CA ILE C 277 21.31 -12.07 -15.95
C ILE C 277 22.68 -11.65 -15.42
N GLY C 278 22.73 -11.06 -14.23
CA GLY C 278 23.99 -10.64 -13.65
C GLY C 278 23.99 -9.22 -13.12
N MET C 279 22.90 -8.49 -13.33
CA MET C 279 22.82 -7.11 -12.91
C MET C 279 21.36 -6.73 -12.66
N TYR C 280 21.18 -5.62 -11.96
CA TYR C 280 19.84 -5.12 -11.70
C TYR C 280 19.15 -4.81 -13.01
N PRO C 281 17.94 -5.33 -13.25
CA PRO C 281 17.36 -5.24 -14.59
C PRO C 281 16.42 -4.07 -14.79
N ILE C 282 16.07 -3.36 -13.72
CA ILE C 282 15.04 -2.31 -13.84
C ILE C 282 15.45 -1.22 -14.83
N PRO C 283 16.66 -0.67 -14.78
CA PRO C 283 17.13 0.12 -15.92
C PRO C 283 17.51 -0.79 -17.07
N PRO C 284 16.78 -0.76 -18.17
CA PRO C 284 17.01 -1.72 -19.25
C PRO C 284 18.41 -1.58 -19.81
N PRO C 285 19.05 -2.69 -20.17
CA PRO C 285 20.41 -2.70 -20.71
C PRO C 285 20.47 -2.30 -22.18
N ALA C 310 23.80 7.37 -12.01
CA ALA C 310 22.88 7.26 -13.13
C ALA C 310 21.80 8.32 -13.07
N MET C 311 20.76 8.05 -12.27
CA MET C 311 19.66 8.98 -12.12
C MET C 311 19.04 8.80 -10.74
N ALA C 312 18.30 9.81 -10.30
CA ALA C 312 17.92 9.97 -8.90
C ALA C 312 17.02 8.85 -8.38
N ILE C 313 16.70 8.89 -7.09
CA ILE C 313 15.87 7.86 -6.48
C ILE C 313 14.46 7.89 -7.07
N PHE C 314 13.90 9.09 -7.23
CA PHE C 314 12.53 9.20 -7.70
C PHE C 314 12.39 8.64 -9.12
N GLU C 315 13.39 8.86 -9.96
CA GLU C 315 13.30 8.36 -11.32
C GLU C 315 13.39 6.83 -11.40
N LEU C 316 13.82 6.17 -10.33
CA LEU C 316 13.71 4.71 -10.23
C LEU C 316 12.37 4.30 -9.63
N LEU C 317 11.98 4.93 -8.52
CA LEU C 317 10.73 4.58 -7.86
C LEU C 317 9.51 4.84 -8.74
N ASP C 318 9.62 5.74 -9.71
CA ASP C 318 8.54 5.96 -10.66
C ASP C 318 8.72 5.18 -11.95
N TYR C 319 9.92 4.67 -12.23
CA TYR C 319 10.08 3.76 -13.37
C TYR C 319 9.54 2.38 -13.04
N ILE C 320 9.69 1.95 -11.78
CA ILE C 320 9.17 0.65 -11.38
C ILE C 320 7.65 0.62 -11.47
N VAL C 321 6.98 1.68 -11.02
CA VAL C 321 5.53 1.66 -10.90
C VAL C 321 4.86 1.68 -12.28
N ASN C 322 5.37 2.49 -13.20
CA ASN C 322 4.66 2.72 -14.45
C ASN C 322 5.10 1.79 -15.59
N GLU C 323 6.39 1.60 -15.77
CA GLU C 323 6.89 0.86 -16.92
C GLU C 323 6.55 -0.63 -16.79
N PRO C 324 6.50 -1.34 -17.92
CA PRO C 324 6.18 -2.76 -17.86
C PRO C 324 7.26 -3.53 -17.13
N PRO C 325 6.89 -4.65 -16.47
CA PRO C 325 7.89 -5.42 -15.74
C PRO C 325 8.89 -6.05 -16.68
N PRO C 326 10.12 -6.27 -16.23
CA PRO C 326 11.15 -6.85 -17.11
C PRO C 326 10.86 -8.31 -17.44
N LYS C 327 11.40 -8.73 -18.58
CA LYS C 327 11.26 -10.11 -19.04
C LYS C 327 12.60 -10.61 -19.54
N LEU C 328 12.77 -11.94 -19.55
CA LEU C 328 14.01 -12.56 -19.98
C LEU C 328 13.91 -13.15 -21.38
N GLU C 329 13.14 -12.50 -22.27
CA GLU C 329 12.95 -13.01 -23.61
C GLU C 329 14.19 -12.86 -24.49
N HIS C 330 15.21 -12.14 -24.05
CA HIS C 330 16.34 -11.79 -24.89
C HIS C 330 17.45 -12.84 -24.88
N LYS C 331 17.27 -13.96 -24.19
CA LYS C 331 18.28 -15.00 -24.16
C LYS C 331 17.60 -16.36 -24.12
N ILE C 332 18.37 -17.40 -24.49
CA ILE C 332 17.84 -18.76 -24.55
C ILE C 332 17.95 -19.39 -23.17
N PHE C 333 16.79 -19.63 -22.55
CA PHE C 333 16.66 -20.26 -21.25
C PHE C 333 15.73 -21.47 -21.37
N SER C 334 15.36 -22.03 -20.23
CA SER C 334 14.29 -23.01 -20.18
C SER C 334 12.94 -22.28 -20.17
N THR C 335 12.00 -22.79 -20.95
CA THR C 335 10.70 -22.13 -21.06
C THR C 335 10.00 -22.06 -19.71
N GLU C 336 10.06 -23.15 -18.94
CA GLU C 336 9.40 -23.18 -17.63
C GLU C 336 9.93 -22.08 -16.72
N PHE C 337 11.24 -21.80 -16.81
CA PHE C 337 11.80 -20.69 -16.04
C PHE C 337 11.15 -19.37 -16.44
N LYS C 338 10.95 -19.16 -17.74
CA LYS C 338 10.32 -17.92 -18.20
C LYS C 338 8.89 -17.81 -17.70
N ASP C 339 8.13 -18.91 -17.74
CA ASP C 339 6.75 -18.83 -17.25
C ASP C 339 6.72 -18.63 -15.75
N PHE C 340 7.66 -19.21 -15.01
CA PHE C 340 7.72 -18.99 -13.57
C PHE C 340 7.98 -17.52 -13.26
N VAL C 341 8.94 -16.91 -13.94
CA VAL C 341 9.22 -15.50 -13.70
C VAL C 341 8.04 -14.63 -14.12
N ASP C 342 7.36 -15.02 -15.21
CA ASP C 342 6.19 -14.28 -15.66
C ASP C 342 5.10 -14.29 -14.60
N ILE C 343 4.81 -15.48 -14.03
CA ILE C 343 3.79 -15.57 -13.00
C ILE C 343 4.21 -14.77 -11.77
N CYS C 344 5.50 -14.81 -11.42
CA CYS C 344 5.96 -14.10 -10.23
C CYS C 344 5.87 -12.58 -10.40
N LEU C 345 6.13 -12.07 -11.61
CA LEU C 345 6.22 -10.64 -11.86
C LEU C 345 4.95 -10.17 -12.56
N LYS C 346 3.99 -9.68 -11.77
CA LYS C 346 2.77 -9.09 -12.30
C LYS C 346 2.35 -7.93 -11.40
N LYS C 347 1.85 -6.86 -12.03
CA LYS C 347 1.61 -5.63 -11.29
C LYS C 347 0.43 -5.78 -10.33
N GLN C 348 -0.68 -6.30 -10.81
CA GLN C 348 -1.86 -6.44 -9.96
C GLN C 348 -1.67 -7.60 -9.00
N PRO C 349 -1.84 -7.40 -7.69
CA PRO C 349 -1.56 -8.48 -6.74
C PRO C 349 -2.40 -9.73 -6.94
N ASP C 350 -3.64 -9.59 -7.43
CA ASP C 350 -4.51 -10.75 -7.57
C ASP C 350 -4.04 -11.73 -8.64
N GLU C 351 -3.24 -11.27 -9.60
CA GLU C 351 -2.72 -12.16 -10.64
C GLU C 351 -1.42 -12.84 -10.25
N ARG C 352 -0.93 -12.60 -9.04
CA ARG C 352 0.32 -13.19 -8.58
C ARG C 352 0.00 -14.42 -7.73
N ALA C 353 0.54 -15.57 -8.14
CA ALA C 353 0.20 -16.83 -7.50
C ALA C 353 0.78 -16.90 -6.09
N ASP C 354 0.01 -17.51 -5.18
CA ASP C 354 0.51 -17.76 -3.83
C ASP C 354 1.54 -18.87 -3.86
N LEU C 355 2.38 -18.92 -2.81
CA LEU C 355 3.49 -19.86 -2.78
C LEU C 355 3.02 -21.31 -2.91
N LYS C 356 1.79 -21.60 -2.49
CA LYS C 356 1.30 -22.98 -2.52
C LYS C 356 0.96 -23.46 -3.93
N THR C 357 0.91 -22.58 -4.93
CA THR C 357 0.63 -23.00 -6.29
C THR C 357 1.80 -22.80 -7.25
N LEU C 358 2.94 -22.30 -6.77
CA LEU C 358 4.17 -22.45 -7.54
C LEU C 358 4.99 -23.65 -7.10
N LEU C 359 4.72 -24.20 -5.91
CA LEU C 359 5.37 -25.43 -5.50
C LEU C 359 4.97 -26.60 -6.38
N SER C 360 3.83 -26.52 -7.05
CA SER C 360 3.38 -27.54 -7.99
C SER C 360 3.71 -27.18 -9.44
N HIS C 361 4.44 -26.09 -9.66
CA HIS C 361 4.78 -25.69 -11.01
C HIS C 361 5.71 -26.73 -11.64
N PRO C 362 5.63 -26.91 -12.96
CA PRO C 362 6.49 -27.92 -13.61
C PRO C 362 7.98 -27.69 -13.38
N TRP C 363 8.42 -26.44 -13.33
CA TRP C 363 9.83 -26.17 -13.12
C TRP C 363 10.29 -26.65 -11.75
N ILE C 364 9.49 -26.41 -10.71
CA ILE C 364 9.87 -26.83 -9.37
C ILE C 364 9.88 -28.34 -9.26
N ARG C 365 8.90 -29.01 -9.88
CA ARG C 365 8.90 -30.47 -9.87
C ARG C 365 10.11 -31.04 -10.59
N LYS C 366 10.46 -30.46 -11.73
CA LYS C 366 11.65 -30.91 -12.45
C LYS C 366 12.90 -30.72 -11.61
N ALA C 367 13.00 -29.60 -10.91
CA ALA C 367 14.14 -29.37 -10.03
C ALA C 367 14.16 -30.39 -8.89
N GLU C 368 13.00 -30.71 -8.32
CA GLU C 368 12.94 -31.65 -7.20
C GLU C 368 13.36 -33.05 -7.63
N LEU C 369 12.91 -33.50 -8.81
CA LEU C 369 13.21 -34.86 -9.23
C LEU C 369 14.66 -35.03 -9.67
N GLU C 370 15.40 -33.95 -9.92
CA GLU C 370 16.77 -34.03 -10.40
C GLU C 370 17.75 -34.03 -9.22
N GLU C 371 19.04 -34.06 -9.55
CA GLU C 371 20.09 -34.02 -8.54
C GLU C 371 21.33 -33.39 -9.16
N VAL C 372 21.76 -32.27 -8.60
CA VAL C 372 22.92 -31.53 -9.10
C VAL C 372 23.89 -31.30 -7.96
N ASP C 373 25.18 -31.28 -8.29
CA ASP C 373 26.25 -31.18 -7.29
C ASP C 373 26.41 -29.72 -6.87
N ILE C 374 25.69 -29.35 -5.80
CA ILE C 374 25.85 -28.02 -5.23
C ILE C 374 27.21 -27.89 -4.53
N SER C 375 27.63 -28.94 -3.84
CA SER C 375 28.84 -28.88 -3.04
C SER C 375 30.06 -28.58 -3.89
N GLY C 376 30.16 -29.23 -5.06
CA GLY C 376 31.29 -28.96 -5.93
C GLY C 376 31.34 -27.52 -6.40
N TRP C 377 30.18 -26.97 -6.78
CA TRP C 377 30.14 -25.58 -7.25
C TRP C 377 30.52 -24.62 -6.13
N VAL C 378 29.96 -24.80 -4.94
CA VAL C 378 30.24 -23.85 -3.86
C VAL C 378 31.69 -23.97 -3.40
N CYS C 379 32.24 -25.18 -3.39
CA CYS C 379 33.65 -25.33 -3.03
C CYS C 379 34.56 -24.71 -4.07
N LYS C 380 34.26 -24.92 -5.35
CA LYS C 380 35.11 -24.37 -6.40
C LYS C 380 35.09 -22.85 -6.40
N THR C 381 33.91 -22.25 -6.22
CA THR C 381 33.82 -20.79 -6.29
C THR C 381 34.59 -20.13 -5.15
N MET C 382 34.48 -20.66 -3.93
CA MET C 382 35.16 -20.09 -2.79
C MET C 382 36.58 -20.67 -2.70
N ASP C 383 37.30 -20.32 -1.64
CA ASP C 383 38.70 -20.74 -1.47
C ASP C 383 38.74 -22.10 -0.77
N LEU C 384 38.30 -23.11 -1.52
CA LEU C 384 38.30 -24.50 -1.05
C LEU C 384 37.53 -24.66 0.26
N THR D 81 19.03 40.61 14.99
CA THR D 81 18.70 39.40 15.72
C THR D 81 18.32 39.74 17.16
N ARG D 82 17.38 40.65 17.31
CA ARG D 82 16.95 41.12 18.63
C ARG D 82 15.46 41.05 18.85
N HIS D 83 14.65 41.33 17.82
CA HIS D 83 13.22 41.51 18.02
C HIS D 83 12.56 40.24 18.55
N GLU D 84 12.92 39.09 18.00
CA GLU D 84 12.35 37.81 18.44
C GLU D 84 13.43 36.88 18.97
N ASN D 85 14.50 37.45 19.54
CA ASN D 85 15.60 36.68 20.12
C ASN D 85 16.18 35.70 19.12
N LEU D 86 16.35 36.15 17.88
CA LEU D 86 16.99 35.33 16.86
C LEU D 86 18.43 35.02 17.28
N VAL D 87 18.84 33.77 17.10
CA VAL D 87 20.14 33.28 17.55
C VAL D 87 21.02 33.07 16.34
N LEU D 88 22.24 33.60 16.40
CA LEU D 88 23.19 33.52 15.30
C LEU D 88 24.10 32.30 15.39
N PHE D 89 23.95 31.48 16.44
CA PHE D 89 24.79 30.31 16.66
C PHE D 89 26.27 30.69 16.66
N VAL D 102 29.14 29.61 29.93
CA VAL D 102 27.70 29.38 29.87
C VAL D 102 26.95 30.67 30.17
N THR D 103 27.65 31.80 30.07
CA THR D 103 27.04 33.09 30.32
C THR D 103 26.07 33.51 29.22
N SER D 104 26.10 32.86 28.06
CA SER D 104 25.20 33.17 26.96
C SER D 104 25.04 31.94 26.11
N LEU D 105 24.13 32.03 25.13
CA LEU D 105 23.83 30.93 24.21
C LEU D 105 23.43 29.67 24.98
N CYS D 106 22.62 29.84 26.02
CA CYS D 106 22.19 28.73 26.83
C CYS D 106 21.24 27.82 26.04
N LYS D 107 21.30 26.53 26.35
CA LYS D 107 20.47 25.53 25.69
C LYS D 107 19.67 24.76 26.72
N GLY D 108 18.47 24.33 26.31
CA GLY D 108 17.58 23.62 27.20
C GLY D 108 16.57 22.76 26.45
N ASN D 109 15.32 22.77 26.89
CA ASN D 109 14.27 22.04 26.20
C ASN D 109 13.88 22.76 24.91
N THR D 110 13.21 22.02 24.03
CA THR D 110 12.80 22.55 22.73
C THR D 110 11.32 22.28 22.48
N LEU D 111 10.85 22.59 21.27
CA LEU D 111 9.45 22.34 20.94
C LEU D 111 9.19 20.86 20.69
N TYR D 112 10.13 20.18 20.03
CA TYR D 112 9.95 18.76 19.72
C TYR D 112 9.81 17.93 20.97
N THR D 113 10.77 18.06 21.89
CA THR D 113 10.71 17.27 23.12
C THR D 113 9.48 17.62 23.94
N TYR D 114 9.09 18.90 23.94
CA TYR D 114 7.88 19.33 24.62
C TYR D 114 6.68 18.56 24.10
N ILE D 115 6.36 18.77 22.82
CA ILE D 115 5.14 18.20 22.25
C ILE D 115 5.17 16.68 22.21
N HIS D 116 6.35 16.06 22.22
CA HIS D 116 6.38 14.60 22.14
C HIS D 116 6.40 13.94 23.51
N GLN D 117 7.42 14.23 24.33
CA GLN D 117 7.52 13.57 25.62
C GLN D 117 6.45 14.05 26.58
N ARG D 118 6.16 15.36 26.58
CA ARG D 118 5.21 15.86 27.57
C ARG D 118 3.78 15.44 27.26
N ARG D 119 3.44 15.32 25.97
CA ARG D 119 2.09 14.95 25.55
C ARG D 119 1.04 15.86 26.17
N GLU D 120 1.36 17.16 26.24
CA GLU D 120 0.47 18.15 26.84
C GLU D 120 -0.35 18.81 25.75
N LYS D 121 -1.66 18.89 25.97
CA LYS D 121 -2.57 19.53 25.02
C LYS D 121 -2.36 21.03 25.09
N PHE D 122 -1.68 21.59 24.09
CA PHE D 122 -1.45 23.03 24.06
C PHE D 122 -2.75 23.77 23.82
N ALA D 123 -2.92 24.89 24.52
CA ALA D 123 -4.12 25.70 24.37
C ALA D 123 -4.14 26.37 22.99
N MET D 124 -5.36 26.68 22.53
CA MET D 124 -5.49 27.32 21.22
C MET D 124 -4.83 28.69 21.21
N ASN D 125 -4.96 29.44 22.30
CA ASN D 125 -4.29 30.74 22.38
C ASN D 125 -2.78 30.61 22.29
N ARG D 126 -2.22 29.61 22.99
CA ARG D 126 -0.78 29.38 22.90
C ARG D 126 -0.36 28.98 21.50
N THR D 127 -1.17 28.14 20.84
CA THR D 127 -0.90 27.77 19.46
C THR D 127 -0.86 29.00 18.56
N LEU D 128 -1.85 29.86 18.68
CA LEU D 128 -1.90 31.06 17.85
C LEU D 128 -0.71 31.96 18.13
N LEU D 129 -0.37 32.15 19.40
CA LEU D 129 0.75 33.01 19.75
C LEU D 129 2.06 32.47 19.21
N ILE D 130 2.30 31.16 19.37
CA ILE D 130 3.54 30.56 18.89
C ILE D 130 3.62 30.66 17.36
N ALA D 131 2.51 30.39 16.67
CA ALA D 131 2.51 30.49 15.22
C ALA D 131 2.79 31.92 14.77
N GLN D 132 2.19 32.90 15.45
CA GLN D 132 2.43 34.29 15.08
C GLN D 132 3.88 34.67 15.30
N GLN D 133 4.47 34.25 16.42
CA GLN D 133 5.87 34.58 16.67
C GLN D 133 6.78 33.94 15.64
N ILE D 134 6.53 32.68 15.28
CA ILE D 134 7.35 32.02 14.28
C ILE D 134 7.24 32.73 12.93
N ALA D 135 6.01 33.09 12.56
CA ALA D 135 5.81 33.77 11.28
C ALA D 135 6.52 35.12 11.26
N GLN D 136 6.43 35.88 12.34
CA GLN D 136 7.11 37.17 12.41
C GLN D 136 8.61 37.00 12.31
N GLY D 137 9.16 36.03 13.05
CA GLY D 137 10.60 35.82 13.01
C GLY D 137 11.09 35.44 11.63
N MET D 138 10.39 34.52 10.97
CA MET D 138 10.81 34.11 9.64
C MET D 138 10.63 35.22 8.63
N GLY D 139 9.58 36.03 8.77
CA GLY D 139 9.40 37.17 7.88
C GLY D 139 10.50 38.21 8.03
N TYR D 140 10.93 38.44 9.28
CA TYR D 140 12.08 39.30 9.50
C TYR D 140 13.33 38.70 8.87
N LEU D 141 13.51 37.39 9.00
CA LEU D 141 14.69 36.73 8.46
C LEU D 141 14.73 36.82 6.94
N HIS D 142 13.57 36.67 6.28
CA HIS D 142 13.53 36.70 4.83
C HIS D 142 13.87 38.06 4.26
N ALA D 143 13.82 39.11 5.07
CA ALA D 143 14.06 40.46 4.60
C ALA D 143 15.54 40.81 4.48
N ARG D 144 16.44 39.92 4.89
CA ARG D 144 17.87 40.16 4.81
C ARG D 144 18.57 39.26 3.79
N GLU D 145 17.83 38.78 2.78
CA GLU D 145 18.38 38.00 1.68
C GLU D 145 19.26 36.84 2.16
N ILE D 146 18.81 36.16 3.20
CA ILE D 146 19.47 34.95 3.68
C ILE D 146 18.42 33.87 3.90
N ILE D 147 18.66 32.69 3.37
CA ILE D 147 17.66 31.63 3.28
C ILE D 147 17.87 30.63 4.40
N HIS D 148 16.81 30.37 5.15
CA HIS D 148 16.84 29.34 6.20
C HIS D 148 16.72 27.98 5.54
N LYS D 149 17.84 27.29 5.40
CA LYS D 149 17.87 26.07 4.61
C LYS D 149 17.45 24.83 5.38
N ASP D 150 17.16 24.94 6.68
CA ASP D 150 16.76 23.76 7.44
C ASP D 150 15.85 24.24 8.57
N LEU D 151 14.55 24.06 8.40
CA LEU D 151 13.57 24.36 9.44
C LEU D 151 12.92 23.06 9.86
N ARG D 152 13.12 22.68 11.11
CA ARG D 152 12.44 21.52 11.69
C ARG D 152 11.75 21.94 12.97
N THR D 153 11.23 20.98 13.71
CA THR D 153 10.65 21.27 15.01
C THR D 153 11.64 21.11 16.16
N LYS D 154 12.87 20.69 15.86
CA LYS D 154 13.94 20.68 16.85
C LYS D 154 14.78 21.95 16.85
N ASN D 155 14.56 22.85 15.90
CA ASN D 155 15.31 24.09 15.78
C ASN D 155 14.53 25.28 16.33
N ILE D 156 13.65 25.06 17.31
CA ILE D 156 12.89 26.11 17.95
C ILE D 156 12.98 25.90 19.45
N PHE D 157 13.24 26.98 20.19
CA PHE D 157 13.35 26.93 21.63
C PHE D 157 12.36 27.92 22.25
N ILE D 158 11.59 27.45 23.23
CA ILE D 158 10.59 28.26 23.90
C ILE D 158 10.99 28.40 25.36
N GLU D 159 11.16 29.65 25.82
CA GLU D 159 11.49 29.94 27.20
C GLU D 159 10.58 31.06 27.69
N ASN D 160 9.61 30.70 28.54
CA ASN D 160 8.66 31.66 29.10
C ASN D 160 7.88 32.38 27.99
N GLY D 161 7.56 31.65 26.92
CA GLY D 161 6.76 32.18 25.84
C GLY D 161 7.52 32.95 24.78
N LYS D 162 8.84 33.02 24.87
CA LYS D 162 9.65 33.72 23.87
C LYS D 162 10.25 32.70 22.92
N VAL D 163 9.91 32.82 21.64
CA VAL D 163 10.40 31.87 20.64
C VAL D 163 11.83 32.23 20.24
N ILE D 164 12.57 31.21 19.79
CA ILE D 164 13.95 31.38 19.35
C ILE D 164 14.18 30.45 18.17
N ILE D 165 14.73 30.98 17.09
CA ILE D 165 15.02 30.22 15.88
C ILE D 165 16.54 30.17 15.71
N THR D 166 17.07 28.97 15.45
CA THR D 166 18.50 28.76 15.45
C THR D 166 18.92 27.84 14.31
N ASP D 167 20.23 27.87 14.03
CA ASP D 167 20.87 26.94 13.10
C ASP D 167 20.32 27.10 11.68
N PHE D 168 20.40 28.32 11.16
CA PHE D 168 19.89 28.63 9.84
C PHE D 168 21.01 28.87 8.82
N GLY D 169 22.22 28.40 9.11
CA GLY D 169 23.32 28.59 8.19
C GLY D 169 24.25 27.39 8.10
N LEU D 170 23.73 26.20 8.37
CA LEU D 170 24.56 25.00 8.43
C LEU D 170 24.24 24.00 7.32
N PHE D 171 22.97 23.64 7.16
CA PHE D 171 22.61 22.56 6.24
C PHE D 171 22.94 22.91 4.80
N SER D 172 23.31 21.90 4.03
CA SER D 172 23.64 22.05 2.62
C SER D 172 23.54 20.69 1.97
N SER D 173 23.99 20.60 0.72
CA SER D 173 23.97 19.34 -0.02
C SER D 173 25.18 18.47 0.26
N THR D 174 26.11 18.94 1.08
CA THR D 174 27.32 18.19 1.43
C THR D 174 27.32 17.68 2.85
N LYS D 175 26.58 18.35 3.75
CA LYS D 175 26.58 17.96 5.16
C LYS D 175 26.17 16.52 5.36
N LEU D 176 25.27 16.00 4.54
CA LEU D 176 24.90 14.59 4.61
C LEU D 176 25.79 13.77 3.68
N LEU D 177 26.39 12.72 4.22
CA LEU D 177 27.34 11.91 3.47
C LEU D 177 27.45 10.56 4.15
N TYR D 178 27.26 9.49 3.38
CA TYR D 178 27.25 8.15 3.96
C TYR D 178 27.85 7.15 2.99
N CYS D 179 27.84 5.89 3.39
CA CYS D 179 28.66 4.84 2.77
C CYS D 179 28.01 4.34 1.49
N ASP D 180 28.56 3.24 0.96
CA ASP D 180 28.12 2.67 -0.31
C ASP D 180 26.79 1.94 -0.21
N MET D 181 26.29 1.67 1.00
CA MET D 181 24.97 1.06 1.14
C MET D 181 23.86 1.98 0.66
N GLY D 182 24.14 3.27 0.46
CA GLY D 182 23.19 4.23 -0.03
C GLY D 182 23.17 5.46 0.84
N LEU D 183 22.24 6.36 0.54
CA LEU D 183 22.08 7.57 1.32
C LEU D 183 21.53 7.24 2.70
N GLY D 184 22.17 7.78 3.73
CA GLY D 184 21.67 7.62 5.08
C GLY D 184 20.58 8.64 5.38
N VAL D 185 19.34 8.17 5.47
CA VAL D 185 18.18 9.04 5.68
C VAL D 185 17.87 9.06 7.17
N PRO D 186 17.95 10.20 7.84
CA PRO D 186 17.51 10.27 9.25
C PRO D 186 16.07 9.83 9.43
N HIS D 187 15.65 9.66 10.68
CA HIS D 187 14.34 9.07 10.95
C HIS D 187 13.20 9.99 10.51
N ASN D 188 13.26 11.26 10.92
CA ASN D 188 12.15 12.18 10.66
C ASN D 188 12.58 13.37 9.82
N TRP D 189 13.33 13.11 8.74
CA TRP D 189 13.86 14.16 7.89
C TRP D 189 13.18 14.22 6.53
N LEU D 190 12.54 13.16 6.08
CA LEU D 190 11.96 13.13 4.75
C LEU D 190 10.57 13.73 4.67
N CYS D 191 9.95 14.07 5.80
CA CYS D 191 8.62 14.67 5.82
C CYS D 191 8.66 16.19 5.93
N TYR D 192 9.85 16.80 5.91
CA TYR D 192 10.00 18.25 5.97
C TYR D 192 10.46 18.84 4.66
N LEU D 193 10.57 18.03 3.61
CA LEU D 193 11.14 18.48 2.35
C LEU D 193 10.04 18.71 1.32
N ALA D 194 10.12 19.83 0.62
CA ALA D 194 9.16 20.14 -0.42
C ALA D 194 9.40 19.25 -1.65
N PRO D 195 8.39 19.11 -2.51
CA PRO D 195 8.55 18.21 -3.66
C PRO D 195 9.72 18.55 -4.57
N GLU D 196 10.12 19.81 -4.66
CA GLU D 196 11.23 20.16 -5.55
C GLU D 196 12.58 19.74 -4.97
N LEU D 197 12.65 19.50 -3.67
CA LEU D 197 13.89 19.04 -3.03
C LEU D 197 13.93 17.53 -2.83
N ILE D 198 12.79 16.85 -2.86
CA ILE D 198 12.74 15.43 -2.57
C ILE D 198 13.50 14.60 -3.59
N ARG D 199 13.88 15.18 -4.73
CA ARG D 199 14.63 14.45 -5.74
C ARG D 199 16.11 14.52 -5.39
N ALA D 200 16.47 13.71 -4.39
CA ALA D 200 17.85 13.56 -3.93
C ALA D 200 18.57 12.49 -4.76
N LEU D 201 19.88 12.46 -4.63
CA LEU D 201 20.72 11.56 -5.42
C LEU D 201 21.11 10.33 -4.60
N GLN D 202 21.15 9.18 -5.28
CA GLN D 202 21.42 7.90 -4.64
C GLN D 202 22.90 7.59 -4.37
N PRO D 203 23.85 7.89 -5.27
CA PRO D 203 25.21 7.35 -5.07
C PRO D 203 26.02 8.09 -4.03
N GLU D 204 25.47 9.12 -3.39
CA GLU D 204 26.14 9.87 -2.33
C GLU D 204 27.44 10.52 -2.79
N LYS D 205 27.61 10.68 -4.09
CA LYS D 205 28.79 11.35 -4.66
C LYS D 205 28.33 12.39 -5.66
N PRO D 206 27.65 13.44 -5.21
CA PRO D 206 27.25 14.51 -6.14
C PRO D 206 28.32 15.59 -6.24
N ARG D 207 28.68 15.98 -7.45
CA ARG D 207 29.70 17.01 -7.64
C ARG D 207 29.07 18.38 -7.44
N GLY D 208 29.62 19.15 -6.50
CA GLY D 208 29.03 20.43 -6.14
C GLY D 208 27.87 20.26 -5.17
N GLU D 209 26.85 21.09 -5.31
CA GLU D 209 25.65 21.03 -4.49
C GLU D 209 24.50 20.51 -5.33
N CYS D 210 23.94 19.37 -4.92
CA CYS D 210 22.82 18.80 -5.66
C CYS D 210 21.54 19.61 -5.45
N LEU D 211 21.25 19.97 -4.20
CA LEU D 211 20.02 20.68 -3.89
C LEU D 211 20.15 22.15 -4.23
N GLU D 212 18.99 22.79 -4.39
CA GLU D 212 18.90 24.24 -4.59
C GLU D 212 17.79 24.76 -3.70
N PHE D 213 18.11 25.74 -2.86
CA PHE D 213 17.19 26.24 -1.85
C PHE D 213 16.70 27.63 -2.23
N THR D 214 15.40 27.85 -2.04
CA THR D 214 14.75 29.13 -2.32
C THR D 214 13.78 29.43 -1.19
N PRO D 215 13.45 30.70 -0.98
CA PRO D 215 12.44 31.02 0.04
C PRO D 215 11.08 30.42 -0.25
N TYR D 216 10.80 30.08 -1.51
CA TYR D 216 9.55 29.41 -1.83
C TYR D 216 9.49 28.03 -1.20
N SER D 217 10.61 27.32 -1.16
CA SER D 217 10.64 25.99 -0.57
C SER D 217 10.64 26.01 0.96
N ASP D 218 10.97 27.15 1.56
CA ASP D 218 11.06 27.21 3.02
C ASP D 218 9.68 27.27 3.67
N VAL D 219 8.73 27.98 3.05
CA VAL D 219 7.41 28.10 3.65
C VAL D 219 6.68 26.77 3.67
N TYR D 220 7.07 25.83 2.79
CA TYR D 220 6.48 24.49 2.84
C TYR D 220 6.67 23.85 4.20
N SER D 221 7.87 23.98 4.78
CA SER D 221 8.13 23.39 6.09
C SER D 221 7.31 24.03 7.20
N PHE D 222 6.82 25.25 7.00
CA PHE D 222 5.95 25.85 8.00
C PHE D 222 4.61 25.14 8.07
N GLY D 223 4.12 24.63 6.94
CA GLY D 223 2.87 23.90 6.96
C GLY D 223 2.93 22.65 7.80
N THR D 224 4.01 21.88 7.65
CA THR D 224 4.18 20.67 8.45
C THR D 224 4.27 21.00 9.94
N VAL D 225 4.94 22.11 10.26
CA VAL D 225 5.07 22.51 11.67
C VAL D 225 3.71 22.80 12.26
N TRP D 226 2.89 23.58 11.56
CA TRP D 226 1.56 23.89 12.08
C TRP D 226 0.71 22.64 12.15
N TYR D 227 0.80 21.77 11.15
CA TYR D 227 0.01 20.54 11.17
C TYR D 227 0.35 19.70 12.39
N GLU D 228 1.65 19.52 12.66
CA GLU D 228 2.04 18.71 13.81
C GLU D 228 1.77 19.41 15.12
N LEU D 229 1.68 20.74 15.13
CA LEU D 229 1.44 21.42 16.40
C LEU D 229 -0.05 21.49 16.70
N ILE D 230 -0.91 21.41 15.69
CA ILE D 230 -2.35 21.45 15.92
C ILE D 230 -2.94 20.04 16.03
N CYS D 231 -2.36 19.04 15.36
CA CYS D 231 -2.91 17.69 15.39
C CYS D 231 -2.32 16.87 16.52
N GLY D 232 -1.00 16.69 16.52
CA GLY D 232 -0.35 16.00 17.62
C GLY D 232 0.81 15.09 17.26
N GLU D 233 0.98 14.78 15.97
CA GLU D 233 2.04 13.89 15.56
C GLU D 233 2.44 14.22 14.13
N PHE D 234 3.43 13.47 13.62
CA PHE D 234 4.07 13.77 12.35
C PHE D 234 3.17 13.36 11.18
N THR D 235 3.73 13.39 9.98
CA THR D 235 3.05 13.00 8.76
C THR D 235 3.75 11.80 8.15
N PHE D 236 3.00 11.06 7.31
CA PHE D 236 3.52 9.89 6.61
C PHE D 236 4.07 8.85 7.58
N LYS D 237 3.52 8.79 8.79
CA LYS D 237 4.05 7.89 9.80
C LYS D 237 3.82 6.43 9.43
N ASP D 238 4.68 5.56 9.95
CA ASP D 238 4.63 4.13 9.69
C ASP D 238 4.74 3.81 8.20
N GLN D 239 5.64 4.52 7.52
CA GLN D 239 5.93 4.26 6.11
C GLN D 239 7.44 4.27 5.88
N PRO D 240 7.93 3.44 4.98
CA PRO D 240 9.36 3.43 4.67
C PRO D 240 9.76 4.64 3.83
N ALA D 241 11.07 4.86 3.74
CA ALA D 241 11.57 5.99 2.99
C ALA D 241 11.26 5.87 1.50
N GLU D 242 11.42 4.67 0.94
CA GLU D 242 11.18 4.48 -0.49
C GLU D 242 9.72 4.67 -0.86
N SER D 243 8.82 4.67 0.12
CA SER D 243 7.42 4.99 -0.14
C SER D 243 7.13 6.48 0.03
N ILE D 244 7.72 7.09 1.06
CA ILE D 244 7.52 8.52 1.30
C ILE D 244 8.04 9.33 0.13
N ILE D 245 9.20 8.95 -0.41
CA ILE D 245 9.78 9.69 -1.53
C ILE D 245 8.81 9.73 -2.70
N TRP D 246 8.26 8.56 -3.06
CA TRP D 246 7.38 8.53 -4.23
C TRP D 246 6.04 9.21 -3.94
N GLN D 247 5.50 9.02 -2.74
CA GLN D 247 4.22 9.66 -2.44
C GLN D 247 4.33 11.18 -2.45
N VAL D 248 5.40 11.72 -1.86
CA VAL D 248 5.58 13.17 -1.84
C VAL D 248 5.90 13.69 -3.23
N GLY D 249 6.71 12.95 -4.00
CA GLY D 249 7.06 13.41 -5.34
C GLY D 249 5.88 13.52 -6.28
N ARG D 250 4.79 12.80 -5.98
CA ARG D 250 3.56 12.91 -6.74
C ARG D 250 2.73 14.12 -6.34
N GLY D 251 3.07 14.78 -5.25
CA GLY D 251 2.30 15.93 -4.83
C GLY D 251 1.10 15.56 -3.98
N MET D 252 1.35 14.92 -2.84
CA MET D 252 0.29 14.46 -1.97
C MET D 252 0.37 15.13 -0.61
N LYS D 253 -0.72 15.01 0.14
CA LYS D 253 -0.79 15.54 1.50
C LYS D 253 -1.47 14.50 2.38
N GLN D 254 -1.05 14.45 3.64
CA GLN D 254 -1.65 13.51 4.57
C GLN D 254 -3.13 13.79 4.76
N SER D 255 -3.94 12.74 4.72
CA SER D 255 -5.38 12.90 4.86
C SER D 255 -5.73 13.46 6.23
N LEU D 256 -6.61 14.46 6.24
CA LEU D 256 -6.93 15.20 7.46
C LEU D 256 -8.02 14.46 8.24
N ALA D 257 -7.62 13.33 8.81
CA ALA D 257 -8.53 12.50 9.59
C ALA D 257 -8.45 12.78 11.09
N ASN D 258 -7.54 13.64 11.53
CA ASN D 258 -7.34 13.89 12.95
C ASN D 258 -7.63 15.33 13.35
N LEU D 259 -8.16 16.14 12.44
CA LEU D 259 -8.39 17.56 12.70
C LEU D 259 -9.88 17.84 12.66
N GLN D 260 -10.36 18.62 13.62
CA GLN D 260 -11.76 19.01 13.71
C GLN D 260 -11.82 20.52 13.97
N SER D 261 -11.97 21.29 12.89
CA SER D 261 -12.05 22.74 12.99
C SER D 261 -12.67 23.28 11.71
N GLY D 262 -12.64 24.59 11.53
CA GLY D 262 -13.24 25.24 10.39
C GLY D 262 -12.44 25.02 9.12
N ARG D 263 -12.87 25.71 8.06
CA ARG D 263 -12.22 25.58 6.76
C ARG D 263 -10.95 26.43 6.66
N ASP D 264 -10.75 27.38 7.56
CA ASP D 264 -9.63 28.30 7.43
C ASP D 264 -8.29 27.57 7.65
N VAL D 265 -8.19 26.77 8.71
CA VAL D 265 -6.93 26.11 9.01
C VAL D 265 -6.57 25.11 7.91
N LYS D 266 -7.57 24.36 7.43
CA LYS D 266 -7.30 23.41 6.35
C LYS D 266 -6.94 24.13 5.06
N ASP D 267 -7.56 25.29 4.81
CA ASP D 267 -7.19 26.08 3.64
C ASP D 267 -5.75 26.55 3.73
N LEU D 268 -5.32 26.97 4.92
CA LEU D 268 -3.93 27.40 5.09
C LEU D 268 -2.98 26.22 4.88
N LEU D 269 -3.33 25.04 5.40
CA LEU D 269 -2.50 23.86 5.18
C LEU D 269 -2.37 23.53 3.70
N MET D 270 -3.49 23.60 2.97
CA MET D 270 -3.44 23.37 1.53
C MET D 270 -2.64 24.46 0.82
N LEU D 271 -2.69 25.68 1.33
CA LEU D 271 -1.92 26.78 0.75
C LEU D 271 -0.42 26.52 0.87
N CYS D 272 0.02 26.06 2.05
CA CYS D 272 1.45 25.85 2.25
C CYS D 272 2.00 24.75 1.36
N TRP D 273 1.27 23.63 1.24
CA TRP D 273 1.78 22.45 0.55
C TRP D 273 1.49 22.46 -0.95
N THR D 274 1.28 23.63 -1.54
CA THR D 274 0.93 23.70 -2.95
C THR D 274 2.07 23.15 -3.81
N TYR D 275 1.71 22.42 -4.86
CA TYR D 275 2.71 21.77 -5.69
C TYR D 275 3.56 22.78 -6.45
N GLU D 276 2.96 23.82 -7.01
CA GLU D 276 3.69 24.81 -7.78
C GLU D 276 4.36 25.82 -6.87
N LYS D 277 5.60 26.18 -7.18
CA LYS D 277 6.37 27.07 -6.32
C LYS D 277 5.74 28.46 -6.25
N GLU D 278 5.49 29.07 -7.41
CA GLU D 278 5.13 30.48 -7.44
C GLU D 278 3.81 30.76 -6.75
N HIS D 279 2.91 29.79 -6.70
CA HIS D 279 1.60 30.00 -6.11
C HIS D 279 1.60 29.87 -4.60
N ARG D 280 2.73 29.51 -4.00
CA ARG D 280 2.82 29.49 -2.55
C ARG D 280 2.77 30.91 -2.00
N PRO D 281 2.25 31.09 -0.80
CA PRO D 281 2.21 32.42 -0.19
C PRO D 281 3.58 32.83 0.32
N GLN D 282 3.67 34.09 0.73
CA GLN D 282 4.86 34.63 1.38
C GLN D 282 4.54 34.99 2.82
N PHE D 283 5.58 35.02 3.65
CA PHE D 283 5.36 35.15 5.09
C PHE D 283 4.70 36.47 5.45
N ALA D 284 4.89 37.51 4.65
CA ALA D 284 4.18 38.76 4.90
C ALA D 284 2.67 38.55 4.81
N ARG D 285 2.22 37.80 3.81
CA ARG D 285 0.79 37.52 3.66
C ARG D 285 0.31 36.49 4.69
N LEU D 286 1.15 35.50 5.00
CA LEU D 286 0.77 34.47 5.95
C LEU D 286 0.59 35.05 7.34
N LEU D 287 1.42 36.03 7.72
CA LEU D 287 1.26 36.66 9.02
C LEU D 287 -0.08 37.38 9.10
N SER D 288 -0.49 38.06 8.02
CA SER D 288 -1.79 38.70 8.01
C SER D 288 -2.91 37.67 8.07
N LEU D 289 -2.76 36.55 7.36
CA LEU D 289 -3.79 35.52 7.37
C LEU D 289 -3.97 34.94 8.76
N LEU D 290 -2.86 34.67 9.45
CA LEU D 290 -2.95 34.11 10.80
C LEU D 290 -3.35 35.16 11.83
N GLU D 291 -3.08 36.44 11.56
CA GLU D 291 -3.42 37.49 12.52
C GLU D 291 -4.92 37.60 12.71
N HIS D 292 -5.69 37.55 11.63
CA HIS D 292 -7.14 37.50 11.73
C HIS D 292 -7.53 36.19 12.40
N LEU D 293 -7.94 36.27 13.66
CA LEU D 293 -8.12 35.08 14.47
C LEU D 293 -9.21 34.20 13.89
N PRO D 294 -8.91 32.95 13.52
CA PRO D 294 -10.00 32.03 13.15
C PRO D 294 -10.99 31.83 14.26
N LYS D 295 -10.51 31.83 15.51
CA LYS D 295 -11.38 31.71 16.67
C LYS D 295 -10.67 32.36 17.85
N LYS D 296 -11.44 32.63 18.91
CA LYS D 296 -10.92 33.22 20.14
C LYS D 296 -11.28 32.33 21.31
N ARG D 297 -10.29 32.04 22.15
CA ARG D 297 -10.47 31.24 23.36
C ARG D 297 -11.08 29.88 23.05
PG ANP E . 21.68 -5.11 3.13
O1G ANP E . 21.66 -3.73 2.67
O2G ANP E . 20.98 -5.21 4.53
O3G ANP E . 20.89 -5.99 2.08
PB ANP E . 23.68 -7.15 3.86
O1B ANP E . 22.97 -8.28 3.26
O2B ANP E . 25.23 -7.28 3.57
N3B ANP E . 23.19 -5.72 3.27
PA ANP E . 24.56 -6.80 6.58
O1A ANP E . 25.12 -5.45 6.40
O2A ANP E . 23.87 -7.03 7.91
O3A ANP E . 23.51 -7.13 5.43
O5' ANP E . 25.70 -7.92 6.41
C5' ANP E . 27.11 -7.66 6.24
C4' ANP E . 27.82 -8.90 5.78
O4' ANP E . 27.88 -9.86 6.84
C3' ANP E . 27.18 -9.62 4.58
O3' ANP E . 28.15 -9.89 3.57
C2' ANP E . 26.65 -10.92 5.18
O2' ANP E . 26.71 -12.00 4.26
C1' ANP E . 27.61 -11.14 6.32
N9 ANP E . 27.09 -11.98 7.40
C8 ANP E . 26.43 -11.56 8.52
N7 ANP E . 26.09 -12.53 9.34
C5 ANP E . 26.57 -13.66 8.72
C6 ANP E . 26.55 -15.03 9.06
N6 ANP E . 26.00 -15.50 10.20
N1 ANP E . 27.12 -15.91 8.22
C2 ANP E . 27.67 -15.45 7.09
N3 ANP E . 27.75 -14.19 6.65
C4 ANP E . 27.18 -13.35 7.51
C13 QOM F . 18.61 -11.68 12.39
C15 QOM F . 16.26 -12.21 12.57
C22 QOM F . 16.01 -5.90 9.06
C26 QOM F . 12.58 -6.15 8.83
C28 QOM F . 11.44 -4.23 7.94
C01 QOM F . 13.20 -4.93 12.27
C02 QOM F . 13.66 -6.32 11.91
C03 QOM F . 14.73 -6.49 11.07
C04 QOM F . 15.85 -7.12 11.62
C05 QOM F . 15.75 -7.85 12.81
C07 QOM F . 13.43 -7.29 12.94
C09 QOM F . 14.42 -8.60 14.75
C11 QOM F . 17.00 -9.94 12.94
C12 QOM F . 18.29 -10.37 12.69
C14 QOM F . 17.57 -12.59 12.35
C16 QOM F . 15.98 -10.89 12.86
C19 QOM F . 17.11 -7.12 10.92
C25 QOM F . 13.66 -5.35 9.16
C27 QOM F . 11.47 -5.59 8.22
C29 QOM F . 12.52 -3.43 8.27
C30 QOM F . 13.63 -3.99 8.88
C32 QOM F . 12.11 -1.47 6.79
C34 QOM F . 12.19 0.03 6.78
C35 QOM F . 18.42 -6.41 8.95
C36 QOM F . 18.93 -5.09 8.49
C37 QOM F . 19.61 -5.79 9.61
F18 QOM F . 19.28 -9.45 12.72
I17 QOM F . 18.00 -14.61 11.97
N06 QOM F . 14.56 -7.89 13.48
N10 QOM F . 16.78 -8.59 13.29
N21 QOM F . 17.13 -6.45 9.69
N24 QOM F . 14.82 -5.94 9.78
N31 QOM F . 12.50 -2.05 7.95
O08 QOM F . 12.31 -7.59 13.35
O20 QOM F . 18.12 -7.67 11.35
O23 QOM F . 16.06 -5.45 7.93
O33 QOM F . 11.73 -2.11 5.81
MG MG G . 22.10 -7.94 7.76
#